data_5NVR
#
_entry.id   5NVR
#
_cell.length_a   203.568
_cell.length_b   203.568
_cell.length_c   197.723
_cell.angle_alpha   90.00
_cell.angle_beta   90.00
_cell.angle_gamma   120.00
#
_symmetry.space_group_name_H-M   'P 65 2 2'
#
_entity_poly.entity_id   1
_entity_poly.type   'polypeptide(L)'
_entity_poly.pdbx_seq_one_letter_code
;GGGRNIFTSPYKETRVNPRALEYWVSGEIHGLVDNESVSEFKEIIEGGLGILRQESEDYVARRFEVYATFNNIIPILTTK
NVNEVDQKFNILIVNIESIIEICIPHLQIAQDTLLSSSEKKNPFVIRLYVQIVRFFSAI(MSE)SNFKIVKWLTKRPDLV
NKLKVIYRWTTGALRNENSNKIIITAQVSFLRDEKFGTFFLSNEEIKPIISTFTEI(MSE)EINSHNLIYEKLLLIRGFL
SKYPKL(MSE)IETVTSWLPGEVLPRIIIGDEIYS(MSE)KILITSIVVLLELLKKCLDFVDEHERIYQCI(MSE)LSPV
CETIPEKFLSKLPLNSYDSANLDKVTIGHLLTQQIKNYIVVKNDNKIA(MSE)DLWLS(MSE)TGLLYDSGKRVYDLTSE
SNKVWFDLNNLCFINNHPKTRL(MSE)SIKVWRIITYCICTKISQKNQEGNKSLLSLLRTPFQ(MSE)TLPYVNDPSARE
GIIYHLLGVVYTAFTSNKNLSTD(MSE)FELFWDHLITPIYEDYVFKYDSIHLQNVLFTVLHLLIGGKNADVALERKYKK
HIHP(MSE)SVIASEGVKLKDISSLPPQIIKREYDKI(MSE)KVVFQAVEVAISNVNLAHDLILTSLKHLPEDRKDQTHL
ESFSSLILKVTQNNKDTPIFRDFFGAVTSSFVYTFLDLFLRKNDSSLVNFNIQISKVGISQGN(MSE)TLDLLKDVIRKA
RNETSEFLIIEKFLELDDKKTEVYAQNWVGSTLLPPNISFREFQSLANIVNKVPNENSIENFLDLCLKLSFPVNLFTLLH
VS(MSE)WSNNNFIYFIQSYVSKNENKLNVDLITLLKTSLPGNPELFSGLLPFLRRNKF(MSE)DILEYCIHSNPNLLNS
IPDLNSDLLLKLLPRSRASYFAANIKLFKCSEQLTLVRWLLKGQQLEQLNQNFSEIENVLQNASDSELEKSEIIRELLHL
A(MSE)ANPIEPLFSGLLNFCIKNN(MSE)ADHLDEFCGN(MSE)TSEVLFKISPELLLKLLTYKEKPNGKLLAAVIEKI
ENGDDDYILELLEKIIIQKEIQILEKLKEPLLVFFLNPVSSN(MSE)QKHKKSTN(MSE)LRELVLLYLTKPLSRSAAKK
FFS(MSE)LISILPPNPNYQTID(MSE)VNLLIDLIKSHNRKFKDKRTYNATLKTIGKWIQESGVVHQGDSSKEIEAI
;
_entity_poly.pdbx_strand_id   A
#
# COMPACT_ATOMS: atom_id res chain seq x y z
N GLU A 13 -79.47 -34.30 46.87
CA GLU A 13 -78.08 -34.70 46.50
C GLU A 13 -77.15 -33.49 46.49
N THR A 14 -77.63 -32.38 45.96
CA THR A 14 -76.82 -31.18 45.85
C THR A 14 -76.61 -30.55 47.24
N ARG A 15 -75.81 -29.49 47.25
CA ARG A 15 -75.57 -28.71 48.47
C ARG A 15 -74.83 -29.52 49.53
N VAL A 16 -73.67 -30.07 49.19
CA VAL A 16 -72.78 -30.64 50.19
C VAL A 16 -72.14 -29.49 50.96
N ASN A 17 -72.34 -29.47 52.27
CA ASN A 17 -71.89 -28.35 53.07
C ASN A 17 -70.35 -28.32 53.09
N PRO A 18 -69.74 -27.14 53.09
CA PRO A 18 -68.26 -27.10 53.12
C PRO A 18 -67.66 -27.34 54.49
N ARG A 19 -68.38 -26.94 55.55
CA ARG A 19 -67.84 -27.01 56.91
C ARG A 19 -68.78 -27.76 57.84
N ALA A 20 -68.52 -27.67 59.14
CA ALA A 20 -69.38 -28.23 60.19
C ALA A 20 -69.33 -29.75 60.27
N LEU A 21 -68.29 -30.37 59.73
CA LEU A 21 -68.03 -31.80 59.93
C LEU A 21 -68.97 -32.70 59.12
N GLU A 22 -70.09 -32.17 58.66
CA GLU A 22 -70.96 -32.95 57.79
C GLU A 22 -70.27 -33.32 56.49
N TYR A 23 -69.26 -32.56 56.10
CA TYR A 23 -68.52 -32.81 54.87
C TYR A 23 -67.51 -33.94 55.04
N TRP A 24 -66.72 -33.89 56.11
CA TRP A 24 -65.63 -34.83 56.31
C TRP A 24 -66.18 -36.16 56.81
N VAL A 25 -66.13 -37.19 55.96
CA VAL A 25 -66.45 -38.55 56.38
C VAL A 25 -65.15 -39.20 56.85
N SER A 26 -65.21 -40.49 57.17
CA SER A 26 -64.06 -41.20 57.72
C SER A 26 -63.09 -41.54 56.60
N GLY A 27 -62.02 -40.74 56.50
CA GLY A 27 -60.93 -41.06 55.60
C GLY A 27 -61.21 -40.87 54.12
N GLU A 28 -62.10 -39.94 53.77
CA GLU A 28 -62.46 -39.75 52.37
C GLU A 28 -62.95 -38.31 52.17
N ILE A 29 -63.49 -38.05 50.99
CA ILE A 29 -64.05 -36.76 50.62
C ILE A 29 -62.99 -35.67 50.82
N HIS A 30 -62.13 -35.51 49.81
CA HIS A 30 -61.09 -34.49 49.80
C HIS A 30 -61.30 -33.42 48.75
N GLY A 31 -61.79 -33.81 47.57
CA GLY A 31 -61.97 -32.85 46.49
C GLY A 31 -60.63 -32.38 45.93
N LEU A 32 -60.71 -31.51 44.92
CA LEU A 32 -61.95 -31.01 44.34
C LEU A 32 -62.25 -31.74 43.04
N VAL A 33 -63.38 -32.46 43.02
CA VAL A 33 -63.72 -33.28 41.86
C VAL A 33 -63.91 -32.42 40.62
N ASP A 34 -64.53 -31.24 40.78
CA ASP A 34 -64.73 -30.35 39.65
C ASP A 34 -64.79 -28.89 40.04
N ASN A 35 -64.44 -28.52 41.28
CA ASN A 35 -64.47 -27.13 41.72
C ASN A 35 -63.11 -26.46 41.48
N GLU A 36 -62.71 -26.45 40.21
CA GLU A 36 -61.42 -25.90 39.83
C GLU A 36 -61.53 -24.40 39.60
N SER A 37 -60.47 -23.68 39.97
CA SER A 37 -60.36 -22.25 39.70
C SER A 37 -61.50 -21.45 40.35
N VAL A 38 -61.99 -21.92 41.49
CA VAL A 38 -63.10 -21.27 42.18
C VAL A 38 -62.79 -21.20 43.68
N SER A 39 -63.52 -20.31 44.36
CA SER A 39 -63.34 -20.12 45.79
C SER A 39 -63.91 -21.27 46.62
N GLU A 40 -64.43 -22.32 46.00
CA GLU A 40 -64.77 -23.51 46.76
C GLU A 40 -63.57 -23.99 47.56
N PHE A 41 -62.39 -23.96 46.94
CA PHE A 41 -61.14 -24.18 47.65
C PHE A 41 -61.11 -23.41 48.96
N LYS A 42 -61.43 -22.10 48.90
CA LYS A 42 -61.45 -21.29 50.12
C LYS A 42 -62.31 -21.95 51.20
N GLU A 43 -63.54 -22.32 50.84
CA GLU A 43 -64.43 -22.95 51.82
C GLU A 43 -63.81 -24.21 52.39
N ILE A 44 -63.28 -25.08 51.54
CA ILE A 44 -62.66 -26.30 52.05
C ILE A 44 -61.57 -25.97 53.05
N ILE A 45 -60.76 -24.96 52.75
CA ILE A 45 -59.72 -24.52 53.68
C ILE A 45 -60.34 -24.07 55.00
N GLU A 46 -61.14 -23.01 54.94
CA GLU A 46 -61.66 -22.39 56.16
C GLU A 46 -62.43 -23.39 57.00
N GLY A 47 -63.37 -24.12 56.40
CA GLY A 47 -64.05 -25.19 57.11
C GLY A 47 -63.08 -26.17 57.74
N GLY A 48 -62.06 -26.57 56.99
CA GLY A 48 -61.02 -27.42 57.56
C GLY A 48 -60.47 -26.85 58.85
N LEU A 49 -60.02 -25.59 58.81
CA LEU A 49 -59.51 -24.94 60.01
C LEU A 49 -60.55 -24.90 61.12
N GLY A 50 -61.80 -24.54 60.78
CA GLY A 50 -62.88 -24.53 61.72
C GLY A 50 -63.16 -25.88 62.35
N ILE A 51 -62.63 -26.94 61.76
CA ILE A 51 -62.65 -28.25 62.40
C ILE A 51 -61.41 -28.47 63.25
N LEU A 52 -60.24 -28.10 62.73
CA LEU A 52 -59.01 -28.24 63.51
C LEU A 52 -59.01 -27.38 64.76
N ARG A 53 -59.85 -26.34 64.80
CA ARG A 53 -59.89 -25.43 65.94
C ARG A 53 -60.65 -26.00 67.13
N GLN A 54 -61.48 -27.02 66.91
CA GLN A 54 -62.21 -27.66 67.99
C GLN A 54 -61.41 -28.82 68.57
N GLU A 55 -61.88 -29.32 69.72
CA GLU A 55 -61.15 -30.36 70.44
C GLU A 55 -62.06 -31.49 70.91
N SER A 56 -63.26 -31.61 70.36
CA SER A 56 -64.12 -32.75 70.64
C SER A 56 -63.63 -33.97 69.86
N GLU A 57 -63.91 -35.15 70.40
CA GLU A 57 -63.45 -36.39 69.76
C GLU A 57 -63.94 -36.48 68.32
N ASP A 58 -65.17 -36.03 68.06
CA ASP A 58 -65.72 -36.12 66.72
C ASP A 58 -64.92 -35.28 65.73
N TYR A 59 -64.43 -34.12 66.18
CA TYR A 59 -63.65 -33.24 65.32
C TYR A 59 -62.18 -33.60 65.28
N VAL A 60 -61.64 -34.19 66.35
CA VAL A 60 -60.25 -34.66 66.33
C VAL A 60 -60.12 -35.93 65.50
N ALA A 61 -61.21 -36.67 65.33
CA ALA A 61 -61.19 -37.85 64.47
C ALA A 61 -61.11 -37.52 62.99
N ARG A 62 -60.97 -36.23 62.63
CA ARG A 62 -60.91 -35.81 61.24
C ARG A 62 -59.66 -34.98 60.95
N ARG A 63 -58.67 -35.02 61.84
CA ARG A 63 -57.43 -34.29 61.60
C ARG A 63 -56.74 -34.80 60.35
N PHE A 64 -56.42 -36.10 60.31
CA PHE A 64 -55.75 -36.68 59.17
C PHE A 64 -56.52 -36.42 57.88
N GLU A 65 -57.85 -36.41 57.95
CA GLU A 65 -58.67 -36.15 56.77
C GLU A 65 -58.56 -34.69 56.33
N VAL A 66 -58.51 -33.77 57.30
CA VAL A 66 -58.42 -32.36 56.96
C VAL A 66 -57.07 -32.04 56.35
N TYR A 67 -56.00 -32.59 56.90
CA TYR A 67 -54.67 -32.29 56.38
C TYR A 67 -54.40 -33.01 55.05
N ALA A 68 -54.90 -34.25 54.90
CA ALA A 68 -54.83 -34.89 53.60
C ALA A 68 -55.62 -34.11 52.56
N THR A 69 -56.81 -33.63 52.93
CA THR A 69 -57.60 -32.79 52.04
C THR A 69 -56.82 -31.55 51.63
N PHE A 70 -56.25 -30.84 52.61
CA PHE A 70 -55.46 -29.65 52.31
C PHE A 70 -54.34 -29.99 51.33
N ASN A 71 -53.53 -31.00 51.66
CA ASN A 71 -52.42 -31.36 50.79
C ASN A 71 -52.88 -31.84 49.42
N ASN A 72 -54.15 -32.22 49.28
CA ASN A 72 -54.66 -32.65 47.98
C ASN A 72 -55.18 -31.48 47.15
N ILE A 73 -55.82 -30.50 47.78
CA ILE A 73 -56.51 -29.43 47.04
C ILE A 73 -55.57 -28.30 46.64
N ILE A 74 -54.30 -28.36 47.00
CA ILE A 74 -53.35 -27.32 46.60
C ILE A 74 -52.87 -27.62 45.18
N PRO A 75 -53.07 -26.74 44.21
CA PRO A 75 -52.64 -27.03 42.84
C PRO A 75 -51.14 -26.86 42.68
N ILE A 76 -50.63 -27.48 41.61
CA ILE A 76 -49.23 -27.39 41.24
C ILE A 76 -49.09 -26.34 40.15
N LEU A 77 -48.02 -25.53 40.23
CA LEU A 77 -47.83 -24.44 39.29
C LEU A 77 -47.58 -25.00 37.89
N THR A 78 -48.46 -24.66 36.96
CA THR A 78 -48.30 -24.98 35.55
C THR A 78 -48.08 -23.71 34.76
N THR A 79 -47.42 -23.84 33.60
CA THR A 79 -47.22 -22.70 32.73
C THR A 79 -48.52 -22.16 32.16
N LYS A 80 -49.62 -22.89 32.32
CA LYS A 80 -50.94 -22.47 31.83
C LYS A 80 -51.91 -22.23 32.99
N ASN A 81 -51.40 -22.00 34.20
CA ASN A 81 -52.26 -21.89 35.37
C ASN A 81 -51.44 -21.15 36.43
N VAL A 82 -51.69 -19.85 36.59
CA VAL A 82 -50.92 -19.03 37.52
C VAL A 82 -51.83 -18.08 38.28
N ASN A 83 -52.87 -17.57 37.62
CA ASN A 83 -53.83 -16.72 38.31
C ASN A 83 -54.64 -17.51 39.32
N GLU A 84 -55.05 -18.72 38.95
CA GLU A 84 -55.84 -19.56 39.85
C GLU A 84 -55.03 -19.89 41.10
N VAL A 85 -53.79 -20.36 40.91
CA VAL A 85 -52.94 -20.72 42.04
C VAL A 85 -52.69 -19.50 42.91
N ASP A 86 -52.57 -18.32 42.31
CA ASP A 86 -52.31 -17.11 43.10
C ASP A 86 -53.54 -16.72 43.91
N GLN A 87 -54.74 -16.91 43.34
CA GLN A 87 -55.95 -16.65 44.11
C GLN A 87 -56.08 -17.62 45.28
N LYS A 88 -55.77 -18.90 45.05
CA LYS A 88 -55.83 -19.88 46.13
C LYS A 88 -54.78 -19.59 47.20
N PHE A 89 -53.60 -19.14 46.79
CA PHE A 89 -52.55 -18.83 47.76
C PHE A 89 -52.91 -17.59 48.56
N ASN A 90 -53.56 -16.61 47.93
CA ASN A 90 -54.12 -15.49 48.69
C ASN A 90 -55.15 -15.99 49.69
N ILE A 91 -56.02 -16.90 49.25
CA ILE A 91 -56.95 -17.55 50.17
C ILE A 91 -56.23 -18.08 51.40
N LEU A 92 -55.07 -18.72 51.18
CA LEU A 92 -54.29 -19.17 52.32
C LEU A 92 -53.71 -17.99 53.12
N ILE A 93 -53.40 -16.89 52.45
CA ILE A 93 -52.82 -15.74 53.15
C ILE A 93 -53.82 -15.17 54.15
N VAL A 94 -55.09 -15.07 53.75
CA VAL A 94 -56.09 -14.48 54.63
C VAL A 94 -56.15 -15.22 55.96
N ASN A 95 -56.04 -16.56 55.92
CA ASN A 95 -56.17 -17.39 57.11
C ASN A 95 -54.83 -17.72 57.74
N ILE A 96 -53.79 -16.94 57.45
CA ILE A 96 -52.45 -17.29 57.93
C ILE A 96 -52.43 -17.37 59.46
N GLU A 97 -53.08 -16.43 60.13
CA GLU A 97 -53.02 -16.39 61.59
C GLU A 97 -53.75 -17.58 62.19
N SER A 98 -54.95 -17.88 61.70
CA SER A 98 -55.66 -19.08 62.12
C SER A 98 -54.81 -20.31 61.90
N ILE A 99 -54.11 -20.38 60.75
CA ILE A 99 -53.26 -21.53 60.46
C ILE A 99 -52.13 -21.63 61.46
N ILE A 100 -51.57 -20.50 61.86
CA ILE A 100 -50.49 -20.48 62.85
C ILE A 100 -51.03 -21.04 64.16
N GLU A 101 -51.94 -20.28 64.79
CA GLU A 101 -52.41 -20.60 66.13
C GLU A 101 -53.00 -22.00 66.19
N ILE A 102 -53.67 -22.44 65.13
CA ILE A 102 -54.31 -23.76 65.12
C ILE A 102 -53.28 -24.84 64.87
N CYS A 103 -52.56 -24.74 63.76
CA CYS A 103 -51.81 -25.88 63.24
C CYS A 103 -50.47 -26.06 63.94
N ILE A 104 -49.80 -24.99 64.38
CA ILE A 104 -48.52 -25.16 65.06
C ILE A 104 -48.64 -26.08 66.28
N PRO A 105 -49.58 -25.88 67.20
CA PRO A 105 -49.72 -26.84 68.31
C PRO A 105 -50.05 -28.25 67.86
N HIS A 106 -50.80 -28.41 66.77
CA HIS A 106 -51.06 -29.75 66.25
C HIS A 106 -49.76 -30.43 65.84
N LEU A 107 -48.86 -29.69 65.21
CA LEU A 107 -47.54 -30.22 64.89
C LEU A 107 -46.77 -30.58 66.15
N GLN A 108 -46.76 -29.67 67.12
CA GLN A 108 -46.09 -29.94 68.39
C GLN A 108 -46.55 -31.27 68.99
N ILE A 109 -47.87 -31.38 69.20
CA ILE A 109 -48.42 -32.60 69.80
C ILE A 109 -48.06 -33.82 68.96
N ALA A 110 -48.35 -33.76 67.66
CA ALA A 110 -48.09 -34.90 66.79
C ALA A 110 -46.62 -35.30 66.81
N GLN A 111 -45.71 -34.41 67.19
CA GLN A 111 -44.30 -34.74 67.29
C GLN A 111 -43.95 -35.34 68.65
N ASP A 112 -44.40 -34.68 69.72
CA ASP A 112 -44.09 -35.17 71.06
C ASP A 112 -44.65 -36.57 71.29
N THR A 113 -45.87 -36.84 70.80
CA THR A 113 -46.45 -38.16 70.94
C THR A 113 -45.72 -39.23 70.14
N LEU A 114 -44.75 -38.84 69.29
CA LEU A 114 -43.97 -39.79 68.51
C LEU A 114 -42.53 -39.89 68.96
N LEU A 115 -41.96 -38.84 69.54
CA LEU A 115 -40.56 -38.87 69.97
C LEU A 115 -40.39 -39.11 71.46
N SER A 116 -41.40 -38.81 72.28
CA SER A 116 -41.28 -39.04 73.71
C SER A 116 -41.13 -40.52 74.01
N SER A 117 -42.02 -41.34 73.46
CA SER A 117 -41.95 -42.79 73.65
C SER A 117 -40.96 -43.37 72.65
N SER A 118 -39.86 -43.94 73.16
CA SER A 118 -38.84 -44.48 72.28
C SER A 118 -39.37 -45.63 71.43
N GLU A 119 -40.29 -46.42 71.98
CA GLU A 119 -40.94 -47.52 71.27
C GLU A 119 -42.42 -47.18 71.05
N LYS A 120 -43.14 -48.14 70.48
CA LYS A 120 -44.59 -48.02 70.31
C LYS A 120 -44.95 -46.82 69.42
N LYS A 121 -44.24 -46.70 68.30
CA LYS A 121 -44.56 -45.65 67.34
C LYS A 121 -45.93 -45.92 66.74
N ASN A 122 -46.85 -44.98 66.91
CA ASN A 122 -48.23 -45.18 66.47
C ASN A 122 -48.36 -44.86 64.98
N PRO A 123 -49.05 -45.72 64.20
CA PRO A 123 -49.12 -45.48 62.75
C PRO A 123 -49.96 -44.26 62.37
N PHE A 124 -51.13 -44.10 62.98
CA PHE A 124 -52.01 -42.99 62.61
C PHE A 124 -51.40 -41.65 63.00
N VAL A 125 -50.73 -41.58 64.15
CA VAL A 125 -50.06 -40.35 64.54
C VAL A 125 -48.95 -40.01 63.55
N ILE A 126 -48.27 -41.03 63.03
CA ILE A 126 -47.26 -40.79 62.01
C ILE A 126 -47.90 -40.26 60.74
N ARG A 127 -49.01 -40.88 60.32
CA ARG A 127 -49.79 -40.35 59.19
C ARG A 127 -50.05 -38.86 59.39
N LEU A 128 -50.63 -38.49 60.53
CA LEU A 128 -50.97 -37.09 60.79
C LEU A 128 -49.73 -36.21 60.75
N TYR A 129 -48.62 -36.68 61.31
CA TYR A 129 -47.40 -35.88 61.30
C TYR A 129 -46.93 -35.63 59.88
N VAL A 130 -46.92 -36.67 59.05
CA VAL A 130 -46.49 -36.51 57.66
C VAL A 130 -47.40 -35.53 56.93
N GLN A 131 -48.71 -35.67 57.10
CA GLN A 131 -49.65 -34.79 56.40
C GLN A 131 -49.48 -33.34 56.84
N ILE A 132 -49.41 -33.11 58.15
CA ILE A 132 -49.19 -31.77 58.67
C ILE A 132 -47.90 -31.18 58.09
N VAL A 133 -46.82 -31.94 58.19
CA VAL A 133 -45.52 -31.47 57.68
C VAL A 133 -45.63 -31.11 56.22
N ARG A 134 -46.37 -31.90 55.44
CA ARG A 134 -46.49 -31.63 54.01
C ARG A 134 -47.29 -30.36 53.77
N PHE A 135 -48.32 -30.11 54.59
CA PHE A 135 -49.07 -28.87 54.48
C PHE A 135 -48.18 -27.67 54.80
N PHE A 136 -47.48 -27.73 55.93
CA PHE A 136 -46.62 -26.62 56.33
C PHE A 136 -45.53 -26.37 55.29
N SER A 137 -44.96 -27.44 54.73
CA SER A 137 -43.99 -27.28 53.65
C SER A 137 -44.64 -26.62 52.45
N ALA A 138 -45.85 -27.04 52.09
CA ALA A 138 -46.56 -26.41 50.99
C ALA A 138 -46.79 -24.93 51.25
N ILE A 139 -46.88 -24.52 52.52
CA ILE A 139 -47.11 -23.12 52.85
C ILE A 139 -45.80 -22.35 53.04
N SER A 141 -42.60 -23.49 51.44
CA SER A 141 -41.67 -23.74 50.36
C SER A 141 -41.90 -22.84 49.15
N ASN A 142 -43.15 -22.47 48.88
CA ASN A 142 -43.47 -21.68 47.69
C ASN A 142 -44.27 -20.44 48.07
N PHE A 143 -45.05 -19.92 47.13
CA PHE A 143 -46.02 -18.86 47.38
C PHE A 143 -45.35 -17.49 47.50
N LYS A 144 -46.16 -16.44 47.44
CA LYS A 144 -45.72 -15.09 47.77
C LYS A 144 -45.73 -14.84 49.27
N ILE A 145 -46.01 -15.87 50.08
CA ILE A 145 -46.18 -15.68 51.51
C ILE A 145 -44.92 -15.09 52.14
N VAL A 146 -43.75 -15.49 51.63
CA VAL A 146 -42.50 -14.98 52.19
C VAL A 146 -42.43 -13.46 52.00
N LYS A 147 -42.95 -12.97 50.88
CA LYS A 147 -43.03 -11.52 50.68
C LYS A 147 -44.09 -10.90 51.59
N TRP A 148 -45.23 -11.58 51.73
CA TRP A 148 -46.31 -11.05 52.56
C TRP A 148 -45.89 -10.94 54.02
N LEU A 149 -44.95 -11.78 54.44
CA LEU A 149 -44.56 -11.82 55.85
C LEU A 149 -43.61 -10.69 56.24
N THR A 150 -43.03 -10.00 55.27
CA THR A 150 -42.22 -8.82 55.59
C THR A 150 -43.05 -7.71 56.20
N LYS A 151 -44.38 -7.81 56.13
CA LYS A 151 -45.28 -6.87 56.80
C LYS A 151 -45.71 -7.36 58.18
N ARG A 152 -45.20 -8.50 58.63
CA ARG A 152 -45.62 -9.08 59.91
C ARG A 152 -44.42 -9.78 60.54
N PRO A 153 -43.60 -9.05 61.30
CA PRO A 153 -42.51 -9.72 62.02
C PRO A 153 -42.99 -10.64 63.13
N ASP A 154 -44.17 -10.38 63.69
CA ASP A 154 -44.70 -11.25 64.73
C ASP A 154 -44.96 -12.65 64.20
N LEU A 155 -45.63 -12.74 63.04
CA LEU A 155 -45.99 -14.05 62.50
C LEU A 155 -44.74 -14.87 62.18
N VAL A 156 -43.69 -14.22 61.69
CA VAL A 156 -42.45 -14.95 61.42
C VAL A 156 -41.76 -15.33 62.72
N ASN A 157 -41.85 -14.48 63.75
CA ASN A 157 -41.29 -14.85 65.04
C ASN A 157 -41.99 -16.08 65.62
N LYS A 158 -43.30 -16.23 65.35
CA LYS A 158 -44.00 -17.43 65.79
C LYS A 158 -43.69 -18.63 64.89
N LEU A 159 -43.49 -18.38 63.59
CA LEU A 159 -43.23 -19.50 62.68
C LEU A 159 -41.84 -20.06 62.86
N LYS A 160 -40.86 -19.23 63.24
CA LYS A 160 -39.48 -19.70 63.35
C LYS A 160 -39.34 -20.97 64.16
N VAL A 161 -40.26 -21.21 65.11
CA VAL A 161 -40.06 -22.29 66.07
C VAL A 161 -40.04 -23.66 65.40
N ILE A 162 -40.72 -23.79 64.25
CA ILE A 162 -40.74 -25.09 63.58
C ILE A 162 -39.34 -25.55 63.23
N TYR A 163 -38.44 -24.60 62.91
CA TYR A 163 -37.06 -24.96 62.64
C TYR A 163 -36.37 -25.50 63.90
N ARG A 164 -36.72 -24.94 65.06
CA ARG A 164 -36.17 -25.44 66.32
C ARG A 164 -36.67 -26.85 66.60
N TRP A 165 -37.99 -27.06 66.49
CA TRP A 165 -38.55 -28.38 66.77
C TRP A 165 -38.04 -29.43 65.79
N THR A 166 -37.86 -29.06 64.53
CA THR A 166 -37.29 -30.00 63.57
C THR A 166 -35.81 -30.27 63.88
N THR A 167 -35.08 -29.23 64.26
CA THR A 167 -33.69 -29.39 64.68
C THR A 167 -33.58 -30.43 65.79
N GLY A 168 -34.44 -30.32 66.80
CA GLY A 168 -34.44 -31.32 67.86
C GLY A 168 -34.97 -32.66 67.41
N ALA A 169 -35.87 -32.67 66.44
CA ALA A 169 -36.51 -33.88 65.96
C ALA A 169 -35.64 -34.69 65.01
N LEU A 170 -34.52 -34.14 64.55
CA LEU A 170 -33.62 -34.88 63.69
C LEU A 170 -32.57 -35.68 64.44
N ARG A 171 -32.26 -35.31 65.68
CA ARG A 171 -31.23 -35.98 66.46
C ARG A 171 -31.78 -36.70 67.68
N ASN A 172 -33.08 -36.59 67.95
CA ASN A 172 -33.66 -37.05 69.21
C ASN A 172 -34.52 -38.29 68.98
N GLU A 173 -34.07 -39.42 69.48
CA GLU A 173 -34.91 -40.61 69.66
C GLU A 173 -35.35 -41.22 68.33
N ASN A 174 -36.03 -42.37 68.40
CA ASN A 174 -36.43 -43.13 67.23
C ASN A 174 -37.30 -42.33 66.28
N SER A 175 -36.69 -41.44 65.50
CA SER A 175 -37.40 -40.81 64.40
C SER A 175 -37.52 -41.81 63.26
N ASN A 176 -38.75 -42.16 62.91
CA ASN A 176 -38.98 -43.19 61.91
C ASN A 176 -38.53 -42.72 60.53
N LYS A 177 -38.26 -43.69 59.66
CA LYS A 177 -37.79 -43.39 58.31
C LYS A 177 -38.68 -42.36 57.64
N ILE A 178 -40.00 -42.57 57.68
CA ILE A 178 -40.92 -41.66 57.01
C ILE A 178 -40.89 -40.29 57.69
N ILE A 179 -40.73 -40.26 59.02
CA ILE A 179 -40.63 -38.99 59.73
C ILE A 179 -39.43 -38.20 59.22
N ILE A 180 -38.26 -38.83 59.19
CA ILE A 180 -37.06 -38.13 58.74
C ILE A 180 -37.22 -37.72 57.28
N THR A 181 -37.88 -38.56 56.48
CA THR A 181 -38.10 -38.22 55.08
C THR A 181 -38.93 -36.94 54.96
N ALA A 182 -40.02 -36.85 55.72
CA ALA A 182 -40.85 -35.64 55.68
C ALA A 182 -40.06 -34.43 56.17
N GLN A 183 -39.27 -34.60 57.23
CA GLN A 183 -38.49 -33.49 57.76
C GLN A 183 -37.47 -32.98 56.74
N VAL A 184 -36.83 -33.89 56.01
CA VAL A 184 -35.81 -33.48 55.06
C VAL A 184 -36.43 -32.96 53.77
N SER A 185 -37.64 -33.42 53.42
CA SER A 185 -38.34 -32.81 52.30
C SER A 185 -38.78 -31.39 52.64
N PHE A 186 -39.20 -31.15 53.89
CA PHE A 186 -39.52 -29.81 54.32
C PHE A 186 -38.29 -28.92 54.33
N LEU A 187 -37.20 -29.37 54.97
CA LEU A 187 -35.98 -28.58 55.03
C LEU A 187 -35.31 -28.45 53.67
N ARG A 188 -35.69 -29.30 52.70
CA ARG A 188 -35.17 -29.17 51.34
C ARG A 188 -35.98 -28.17 50.53
N ASP A 189 -37.30 -28.14 50.73
CA ASP A 189 -38.16 -27.26 49.96
C ASP A 189 -38.44 -25.93 50.64
N GLU A 190 -38.24 -25.84 51.95
CA GLU A 190 -38.60 -24.62 52.68
C GLU A 190 -37.87 -23.42 52.11
N LYS A 191 -38.58 -22.29 52.04
CA LYS A 191 -38.06 -21.06 51.43
C LYS A 191 -38.17 -19.84 52.32
N PHE A 192 -39.09 -19.83 53.30
CA PHE A 192 -39.19 -18.71 54.23
C PHE A 192 -37.83 -18.35 54.82
N GLY A 193 -37.03 -19.36 55.16
CA GLY A 193 -35.72 -19.13 55.75
C GLY A 193 -34.81 -18.21 54.93
N THR A 194 -35.08 -18.06 53.63
CA THR A 194 -34.28 -17.13 52.82
C THR A 194 -34.27 -15.74 53.45
N PHE A 195 -35.42 -15.27 53.89
CA PHE A 195 -35.57 -13.86 54.28
C PHE A 195 -35.47 -13.65 55.79
N PHE A 196 -35.97 -14.59 56.59
CA PHE A 196 -36.22 -14.34 58.01
C PHE A 196 -35.29 -15.11 58.94
N LEU A 197 -34.28 -15.81 58.43
CA LEU A 197 -33.36 -16.56 59.26
C LEU A 197 -31.97 -15.96 59.19
N SER A 198 -31.39 -15.69 60.37
CA SER A 198 -30.02 -15.23 60.45
C SER A 198 -29.07 -16.43 60.46
N ASN A 199 -27.78 -16.14 60.29
CA ASN A 199 -26.79 -17.20 60.23
C ASN A 199 -26.82 -18.06 61.48
N GLU A 200 -26.95 -17.42 62.65
CA GLU A 200 -26.95 -18.16 63.91
C GLU A 200 -28.18 -19.05 64.05
N GLU A 201 -29.25 -18.76 63.32
CA GLU A 201 -30.45 -19.59 63.35
C GLU A 201 -30.41 -20.70 62.31
N ILE A 202 -29.51 -20.60 61.33
CA ILE A 202 -29.37 -21.60 60.28
C ILE A 202 -28.28 -22.62 60.62
N LYS A 203 -27.19 -22.16 61.23
CA LYS A 203 -26.05 -23.06 61.46
C LYS A 203 -26.42 -24.31 62.25
N PRO A 204 -27.25 -24.26 63.30
CA PRO A 204 -27.64 -25.51 63.96
C PRO A 204 -28.27 -26.52 63.01
N ILE A 205 -29.19 -26.05 62.16
CA ILE A 205 -29.84 -26.94 61.19
C ILE A 205 -28.77 -27.64 60.36
N ILE A 206 -27.71 -26.93 60.01
CA ILE A 206 -26.63 -27.54 59.25
C ILE A 206 -25.86 -28.54 60.10
N SER A 207 -25.67 -28.23 61.38
CA SER A 207 -25.00 -29.16 62.28
C SER A 207 -25.77 -30.48 62.40
N THR A 208 -27.09 -30.43 62.27
CA THR A 208 -27.89 -31.65 62.38
C THR A 208 -27.58 -32.64 61.26
N PHE A 209 -27.21 -32.13 60.08
CA PHE A 209 -27.00 -33.02 58.93
C PHE A 209 -26.03 -34.15 59.25
N THR A 210 -24.96 -33.84 59.98
CA THR A 210 -23.93 -34.83 60.24
C THR A 210 -24.45 -35.97 61.12
N GLU A 211 -25.24 -35.65 62.13
CA GLU A 211 -25.62 -36.61 63.17
C GLU A 211 -27.13 -36.76 63.18
N ILE A 212 -27.62 -37.90 62.66
CA ILE A 212 -29.04 -38.24 62.74
C ILE A 212 -29.19 -39.72 63.08
N GLU A 214 -29.84 -44.01 62.22
CA GLU A 214 -29.32 -45.02 61.32
C GLU A 214 -30.22 -45.14 60.08
N ILE A 215 -29.63 -45.62 58.99
CA ILE A 215 -30.23 -45.43 57.67
C ILE A 215 -30.19 -46.72 56.88
N ASN A 216 -29.26 -46.85 55.93
CA ASN A 216 -29.16 -48.02 55.07
C ASN A 216 -30.42 -48.22 54.23
N SER A 217 -31.19 -47.16 54.04
CA SER A 217 -32.30 -47.14 53.10
C SER A 217 -31.86 -46.25 51.95
N HIS A 218 -31.73 -46.85 50.77
CA HIS A 218 -31.26 -46.13 49.59
C HIS A 218 -32.24 -45.06 49.12
N ASN A 219 -33.27 -44.76 49.90
CA ASN A 219 -34.16 -43.64 49.65
C ASN A 219 -33.84 -42.43 50.53
N LEU A 220 -33.52 -42.66 51.80
CA LEU A 220 -33.23 -41.54 52.69
C LEU A 220 -31.87 -40.92 52.41
N ILE A 221 -30.89 -41.72 51.98
CA ILE A 221 -29.60 -41.16 51.60
C ILE A 221 -29.78 -40.20 50.43
N TYR A 222 -30.59 -40.60 49.45
CA TYR A 222 -30.83 -39.76 48.28
C TYR A 222 -31.61 -38.50 48.65
N GLU A 223 -32.61 -38.63 49.54
CA GLU A 223 -33.36 -37.46 49.96
C GLU A 223 -32.48 -36.48 50.72
N LYS A 224 -31.61 -36.98 51.60
CA LYS A 224 -30.68 -36.10 52.30
C LYS A 224 -29.70 -35.46 51.33
N LEU A 225 -29.27 -36.20 50.31
CA LEU A 225 -28.36 -35.62 49.33
C LEU A 225 -29.05 -34.50 48.56
N LEU A 226 -30.32 -34.68 48.21
CA LEU A 226 -31.06 -33.60 47.59
C LEU A 226 -31.21 -32.42 48.55
N LEU A 227 -31.37 -32.71 49.83
CA LEU A 227 -31.43 -31.64 50.83
C LEU A 227 -30.15 -30.82 50.82
N ILE A 228 -29.00 -31.50 50.83
CA ILE A 228 -27.72 -30.79 50.76
C ILE A 228 -27.63 -30.00 49.47
N ARG A 229 -28.04 -30.60 48.36
CA ARG A 229 -27.91 -29.96 47.06
C ARG A 229 -28.77 -28.70 46.97
N GLY A 230 -29.90 -28.68 47.69
CA GLY A 230 -30.73 -27.49 47.74
C GLY A 230 -30.18 -26.45 48.70
N PHE A 231 -29.62 -26.93 49.82
CA PHE A 231 -29.05 -26.03 50.80
C PHE A 231 -27.85 -25.27 50.24
N LEU A 232 -27.05 -25.93 49.39
CA LEU A 232 -25.94 -25.25 48.74
C LEU A 232 -26.46 -24.11 47.88
N SER A 233 -27.51 -24.36 47.10
CA SER A 233 -28.08 -23.33 46.24
C SER A 233 -28.91 -22.31 47.01
N LYS A 234 -29.18 -22.55 48.30
CA LYS A 234 -29.98 -21.63 49.10
C LYS A 234 -29.13 -20.75 50.01
N TYR A 235 -28.38 -21.36 50.93
CA TYR A 235 -27.49 -20.60 51.80
C TYR A 235 -26.05 -20.96 51.48
N PRO A 236 -25.50 -20.47 50.36
CA PRO A 236 -24.13 -20.89 49.98
C PRO A 236 -23.07 -20.45 50.98
N LYS A 237 -23.13 -19.21 51.45
CA LYS A 237 -22.10 -18.69 52.34
C LYS A 237 -21.95 -19.57 53.58
N LEU A 238 -23.08 -19.94 54.20
CA LEU A 238 -23.01 -20.75 55.41
C LEU A 238 -22.66 -22.20 55.10
N ILE A 240 -20.56 -23.08 52.89
CA ILE A 240 -19.11 -23.06 52.76
C ILE A 240 -18.46 -22.85 54.13
N GLU A 241 -19.01 -21.96 54.95
CA GLU A 241 -18.47 -21.73 56.28
C GLU A 241 -18.46 -23.01 57.11
N THR A 242 -19.42 -23.90 56.89
CA THR A 242 -19.59 -25.10 57.69
C THR A 242 -19.29 -26.38 56.91
N VAL A 243 -18.53 -26.26 55.81
CA VAL A 243 -18.27 -27.43 54.97
C VAL A 243 -17.56 -28.52 55.76
N THR A 244 -16.67 -28.12 56.68
CA THR A 244 -15.87 -29.08 57.43
C THR A 244 -16.71 -30.11 58.16
N SER A 245 -17.99 -29.81 58.42
CA SER A 245 -18.86 -30.72 59.15
C SER A 245 -19.69 -31.59 58.22
N TRP A 246 -20.43 -30.96 57.29
CA TRP A 246 -21.39 -31.72 56.49
C TRP A 246 -20.76 -32.41 55.29
N LEU A 247 -19.65 -31.88 54.75
CA LEU A 247 -19.07 -32.53 53.58
C LEU A 247 -18.40 -33.85 53.94
N PRO A 248 -17.52 -33.93 54.94
CA PRO A 248 -16.93 -35.23 55.30
C PRO A 248 -17.91 -36.19 55.96
N GLY A 249 -19.12 -35.74 56.28
CA GLY A 249 -20.07 -36.57 56.99
C GLY A 249 -20.91 -37.46 56.10
N GLU A 250 -21.97 -36.89 55.52
CA GLU A 250 -22.97 -37.66 54.80
C GLU A 250 -22.86 -37.51 53.29
N VAL A 251 -21.79 -36.92 52.78
CA VAL A 251 -21.67 -36.65 51.36
C VAL A 251 -20.41 -37.31 50.80
N LEU A 252 -19.25 -36.93 51.32
CA LEU A 252 -18.00 -37.33 50.69
C LEU A 252 -17.72 -38.82 50.81
N PRO A 253 -17.73 -39.43 52.00
CA PRO A 253 -17.38 -40.86 52.08
C PRO A 253 -18.34 -41.77 51.33
N ARG A 254 -19.53 -41.30 50.99
CA ARG A 254 -20.43 -42.10 50.15
C ARG A 254 -19.72 -42.50 48.86
N ILE A 255 -18.84 -41.65 48.35
CA ILE A 255 -18.11 -41.95 47.13
C ILE A 255 -16.97 -42.92 47.41
N ILE A 256 -16.29 -42.76 48.54
CA ILE A 256 -15.13 -43.59 48.84
C ILE A 256 -15.58 -45.03 49.12
N ILE A 257 -16.70 -45.21 49.80
CA ILE A 257 -17.20 -46.55 50.08
C ILE A 257 -17.52 -47.29 48.79
N GLY A 258 -18.06 -46.58 47.81
CA GLY A 258 -18.20 -47.10 46.46
C GLY A 258 -19.62 -47.52 46.14
N ASP A 259 -19.77 -48.02 44.91
CA ASP A 259 -21.06 -48.43 44.36
C ASP A 259 -21.52 -49.77 44.90
N GLU A 260 -20.65 -50.55 45.55
CA GLU A 260 -21.06 -51.84 46.08
C GLU A 260 -22.15 -51.68 47.13
N ILE A 261 -21.99 -50.70 48.03
CA ILE A 261 -22.92 -50.54 49.14
C ILE A 261 -24.12 -49.67 48.76
N TYR A 262 -23.88 -48.62 47.98
CA TYR A 262 -24.93 -47.68 47.62
C TYR A 262 -25.19 -47.73 46.13
N SER A 263 -26.45 -47.51 45.74
CA SER A 263 -26.82 -47.50 44.34
C SER A 263 -26.10 -46.35 43.62
N LYS A 265 -27.15 -44.00 41.81
CA LYS A 265 -27.76 -42.68 41.99
C LYS A 265 -27.22 -41.96 43.21
N ILE A 266 -26.87 -42.72 44.26
CA ILE A 266 -26.29 -42.12 45.45
C ILE A 266 -24.95 -41.46 45.11
N LEU A 267 -24.02 -42.26 44.57
CA LEU A 267 -22.71 -41.74 44.20
C LEU A 267 -22.84 -40.54 43.27
N ILE A 268 -23.57 -40.71 42.16
CA ILE A 268 -23.71 -39.63 41.20
C ILE A 268 -24.24 -38.38 41.87
N THR A 269 -25.25 -38.52 42.73
CA THR A 269 -25.84 -37.36 43.37
C THR A 269 -24.82 -36.65 44.27
N SER A 270 -24.06 -37.41 45.07
CA SER A 270 -23.07 -36.77 45.92
C SER A 270 -22.00 -36.07 45.09
N ILE A 271 -21.56 -36.70 44.00
CA ILE A 271 -20.64 -36.02 43.09
C ILE A 271 -21.23 -34.71 42.60
N VAL A 272 -22.53 -34.73 42.26
CA VAL A 272 -23.20 -33.49 41.87
C VAL A 272 -23.14 -32.47 42.99
N VAL A 273 -23.26 -32.93 44.24
CA VAL A 273 -23.07 -32.03 45.37
C VAL A 273 -21.70 -31.38 45.30
N LEU A 274 -20.67 -32.16 44.97
CA LEU A 274 -19.35 -31.58 44.78
C LEU A 274 -19.36 -30.52 43.69
N LEU A 275 -20.04 -30.81 42.58
CA LEU A 275 -20.08 -29.85 41.47
C LEU A 275 -20.72 -28.53 41.91
N GLU A 276 -21.93 -28.61 42.46
CA GLU A 276 -22.61 -27.40 42.93
C GLU A 276 -21.72 -26.64 43.92
N LEU A 277 -21.15 -27.37 44.88
CA LEU A 277 -20.25 -26.75 45.85
C LEU A 277 -19.14 -26.00 45.14
N LEU A 278 -18.63 -26.53 44.03
CA LEU A 278 -17.64 -25.81 43.26
C LEU A 278 -18.24 -24.53 42.69
N LYS A 279 -19.39 -24.66 42.01
CA LYS A 279 -20.05 -23.49 41.44
C LYS A 279 -20.20 -22.37 42.47
N LYS A 280 -20.35 -22.72 43.75
CA LYS A 280 -20.48 -21.70 44.79
C LYS A 280 -19.14 -21.23 45.31
N CYS A 281 -18.18 -22.13 45.49
CA CYS A 281 -16.86 -21.74 45.98
C CYS A 281 -16.12 -20.84 45.00
N LEU A 282 -16.47 -20.89 43.71
CA LEU A 282 -15.84 -19.99 42.75
C LEU A 282 -16.29 -18.54 42.90
N ASP A 283 -17.19 -18.25 43.84
CA ASP A 283 -17.65 -16.90 44.09
C ASP A 283 -17.13 -16.30 45.39
N PHE A 284 -16.59 -17.12 46.30
CA PHE A 284 -16.16 -16.63 47.60
C PHE A 284 -14.76 -17.09 47.94
N VAL A 285 -14.38 -18.28 47.47
CA VAL A 285 -13.02 -18.81 47.64
C VAL A 285 -12.77 -19.26 49.08
N ASP A 286 -13.17 -18.44 50.06
CA ASP A 286 -12.97 -18.73 51.46
C ASP A 286 -11.48 -18.66 51.81
N GLU A 287 -11.11 -17.76 52.71
CA GLU A 287 -9.71 -17.54 53.06
C GLU A 287 -9.25 -18.40 54.22
N HIS A 288 -10.05 -19.39 54.65
CA HIS A 288 -9.66 -20.30 55.71
C HIS A 288 -9.15 -21.65 55.19
N GLU A 289 -9.24 -21.89 53.88
CA GLU A 289 -8.72 -23.12 53.29
C GLU A 289 -9.34 -24.35 53.94
N ARG A 290 -10.62 -24.26 54.29
CA ARG A 290 -11.27 -25.35 55.01
C ARG A 290 -11.24 -26.64 54.19
N ILE A 291 -11.52 -26.54 52.89
CA ILE A 291 -11.58 -27.74 52.06
C ILE A 291 -10.22 -28.41 52.00
N TYR A 292 -9.16 -27.62 51.79
CA TYR A 292 -7.82 -28.20 51.66
C TYR A 292 -7.34 -28.77 52.98
N GLN A 293 -7.49 -28.00 54.07
CA GLN A 293 -7.09 -28.50 55.38
C GLN A 293 -7.88 -29.75 55.77
N CYS A 294 -9.08 -29.91 55.21
CA CYS A 294 -9.94 -31.02 55.59
C CYS A 294 -9.69 -32.28 54.76
N ILE A 295 -9.39 -32.13 53.47
CA ILE A 295 -9.26 -33.25 52.54
C ILE A 295 -7.82 -33.72 52.39
N LEU A 297 -4.93 -32.40 54.06
CA LEU A 297 -4.03 -32.16 55.18
C LEU A 297 -4.27 -33.12 56.34
N SER A 298 -5.50 -33.18 56.85
CA SER A 298 -5.76 -33.93 58.07
C SER A 298 -5.86 -35.43 57.77
N PRO A 299 -5.64 -36.28 58.79
CA PRO A 299 -5.71 -37.72 58.57
C PRO A 299 -7.10 -38.22 58.22
N VAL A 300 -7.21 -39.53 57.97
CA VAL A 300 -8.52 -40.13 57.72
C VAL A 300 -9.35 -40.14 59.00
N CYS A 301 -8.88 -40.87 60.02
CA CYS A 301 -9.65 -41.06 61.24
C CYS A 301 -10.04 -39.73 61.90
N GLU A 302 -9.49 -38.60 61.47
CA GLU A 302 -9.83 -37.32 62.06
C GLU A 302 -11.18 -36.80 61.54
N THR A 303 -11.44 -36.96 60.24
CA THR A 303 -12.55 -36.26 59.59
C THR A 303 -13.69 -37.16 59.15
N ILE A 304 -13.52 -38.47 59.16
CA ILE A 304 -14.60 -39.40 58.80
C ILE A 304 -15.15 -39.98 60.10
N PRO A 305 -16.45 -39.83 60.38
CA PRO A 305 -17.01 -40.43 61.59
C PRO A 305 -16.93 -41.95 61.56
N GLU A 306 -17.10 -42.55 62.73
CA GLU A 306 -17.01 -44.01 62.86
C GLU A 306 -18.07 -44.71 62.02
N LYS A 307 -19.27 -44.10 61.90
CA LYS A 307 -20.36 -44.74 61.16
C LYS A 307 -19.90 -45.20 59.78
N PHE A 308 -19.04 -44.42 59.13
CA PHE A 308 -18.52 -44.78 57.82
C PHE A 308 -17.12 -45.38 57.88
N LEU A 309 -16.37 -45.11 58.95
CA LEU A 309 -15.06 -45.74 59.11
C LEU A 309 -15.20 -47.25 59.28
N SER A 310 -16.27 -47.72 59.91
CA SER A 310 -16.50 -49.15 60.07
C SER A 310 -16.90 -49.83 58.77
N LYS A 311 -17.05 -49.09 57.68
CA LYS A 311 -17.44 -49.64 56.38
C LYS A 311 -16.45 -49.20 55.30
N LEU A 312 -15.22 -48.88 55.68
CA LEU A 312 -14.28 -48.25 54.77
C LEU A 312 -13.33 -49.31 54.20
N PRO A 313 -13.29 -49.51 52.88
CA PRO A 313 -12.34 -50.48 52.33
C PRO A 313 -10.91 -49.93 52.35
N LEU A 314 -9.97 -50.75 52.80
CA LEU A 314 -8.58 -50.34 52.91
C LEU A 314 -7.68 -51.57 52.80
N ASN A 315 -6.39 -51.31 52.58
CA ASN A 315 -5.37 -52.35 52.60
C ASN A 315 -4.73 -52.40 53.99
N SER A 316 -3.70 -53.22 54.14
CA SER A 316 -3.10 -53.45 55.45
C SER A 316 -2.48 -52.18 56.01
N TYR A 317 -1.52 -51.59 55.28
CA TYR A 317 -0.75 -50.47 55.83
C TYR A 317 -1.63 -49.24 56.01
N ASP A 318 -2.36 -48.85 54.97
CA ASP A 318 -3.21 -47.66 55.06
C ASP A 318 -4.38 -47.85 56.02
N SER A 319 -4.62 -49.06 56.52
CA SER A 319 -5.62 -49.27 57.55
C SER A 319 -5.01 -49.25 58.94
N ALA A 320 -3.83 -49.85 59.09
CA ALA A 320 -3.14 -49.84 60.38
C ALA A 320 -2.56 -48.47 60.70
N ASN A 321 -2.41 -47.60 59.71
CA ASN A 321 -1.85 -46.27 59.90
C ASN A 321 -2.85 -45.24 59.37
N LEU A 322 -3.94 -45.05 60.11
CA LEU A 322 -4.95 -44.07 59.75
C LEU A 322 -4.53 -42.64 60.05
N ASP A 323 -3.29 -42.43 60.50
CA ASP A 323 -2.81 -41.09 60.82
C ASP A 323 -2.03 -40.46 59.67
N LYS A 324 -1.40 -41.28 58.82
CA LYS A 324 -0.63 -40.78 57.70
C LYS A 324 -1.41 -40.74 56.40
N VAL A 325 -2.58 -41.37 56.34
CA VAL A 325 -3.41 -41.40 55.16
C VAL A 325 -4.37 -40.22 55.20
N THR A 326 -4.63 -39.63 54.03
CA THR A 326 -5.51 -38.48 53.91
C THR A 326 -6.74 -38.87 53.10
N ILE A 327 -7.76 -38.00 53.16
CA ILE A 327 -8.98 -38.23 52.39
C ILE A 327 -8.65 -38.20 50.90
N GLY A 328 -7.83 -37.25 50.47
CA GLY A 328 -7.48 -37.16 49.07
C GLY A 328 -6.76 -38.39 48.55
N HIS A 329 -6.03 -39.08 49.41
CA HIS A 329 -5.40 -40.34 49.02
C HIS A 329 -6.46 -41.36 48.60
N LEU A 330 -7.42 -41.62 49.49
CA LEU A 330 -8.47 -42.58 49.20
C LEU A 330 -9.28 -42.14 47.98
N LEU A 331 -9.54 -40.84 47.86
CA LEU A 331 -10.33 -40.35 46.74
C LEU A 331 -9.60 -40.56 45.42
N THR A 332 -8.31 -40.21 45.38
CA THR A 332 -7.53 -40.45 44.17
C THR A 332 -7.54 -41.94 43.81
N GLN A 333 -7.26 -42.80 44.80
CA GLN A 333 -7.30 -44.24 44.56
C GLN A 333 -8.65 -44.66 43.99
N GLN A 334 -9.73 -44.06 44.47
CA GLN A 334 -11.07 -44.49 44.05
C GLN A 334 -11.38 -44.00 42.63
N ILE A 335 -10.95 -42.79 42.28
CA ILE A 335 -11.07 -42.34 40.90
C ILE A 335 -10.31 -43.30 39.98
N LYS A 336 -9.08 -43.63 40.36
CA LYS A 336 -8.32 -44.61 39.61
C LYS A 336 -9.09 -45.92 39.48
N ASN A 337 -9.85 -46.29 40.51
CA ASN A 337 -10.66 -47.50 40.45
C ASN A 337 -11.80 -47.32 39.44
N TYR A 338 -12.36 -46.11 39.34
CA TYR A 338 -13.43 -45.88 38.37
C TYR A 338 -12.91 -45.92 36.95
N ILE A 339 -11.66 -45.49 36.72
CA ILE A 339 -11.08 -45.55 35.38
C ILE A 339 -10.72 -46.99 35.04
N VAL A 340 -9.94 -47.64 35.90
CA VAL A 340 -9.36 -48.94 35.56
C VAL A 340 -10.42 -50.03 35.63
N VAL A 341 -11.13 -50.11 36.74
CA VAL A 341 -12.03 -51.24 36.98
C VAL A 341 -13.34 -51.06 36.21
N LYS A 342 -13.98 -49.90 36.37
CA LYS A 342 -15.32 -49.70 35.86
C LYS A 342 -15.36 -49.17 34.44
N ASN A 343 -14.29 -48.51 34.00
CA ASN A 343 -14.28 -47.79 32.73
C ASN A 343 -15.34 -46.69 32.68
N ASP A 344 -15.76 -46.20 33.85
CA ASP A 344 -16.68 -45.07 33.96
C ASP A 344 -15.86 -43.78 33.99
N ASN A 345 -15.28 -43.47 32.85
CA ASN A 345 -14.40 -42.30 32.75
C ASN A 345 -15.13 -41.03 33.17
N LYS A 346 -16.35 -40.83 32.65
CA LYS A 346 -17.08 -39.60 32.93
C LYS A 346 -17.17 -39.33 34.42
N ILE A 347 -17.56 -40.35 35.19
CA ILE A 347 -17.59 -40.21 36.65
C ILE A 347 -16.23 -39.77 37.15
N ALA A 348 -15.17 -40.40 36.64
CA ALA A 348 -13.83 -40.16 37.17
C ALA A 348 -13.40 -38.71 36.96
N ASP A 350 -15.46 -36.12 36.25
CA ASP A 350 -16.36 -35.24 37.01
C ASP A 350 -15.82 -35.06 38.42
N LEU A 351 -15.56 -36.17 39.11
CA LEU A 351 -14.86 -36.13 40.38
C LEU A 351 -13.61 -35.28 40.26
N TRP A 352 -12.59 -35.80 39.57
CA TRP A 352 -11.31 -35.13 39.37
C TRP A 352 -11.47 -33.62 39.18
N LEU A 353 -12.44 -33.22 38.35
CA LEU A 353 -12.66 -31.80 38.09
C LEU A 353 -13.11 -31.09 39.36
N SER A 354 -14.19 -31.57 39.98
CA SER A 354 -14.68 -30.92 41.20
C SER A 354 -13.58 -30.87 42.26
N THR A 356 -10.22 -30.85 41.84
CA THR A 356 -9.20 -29.88 41.47
C THR A 356 -9.70 -28.44 41.67
N GLY A 357 -10.94 -28.17 41.27
CA GLY A 357 -11.47 -26.82 41.43
C GLY A 357 -11.64 -26.44 42.89
N LEU A 358 -12.25 -27.33 43.67
CA LEU A 358 -12.49 -27.03 45.08
C LEU A 358 -11.18 -26.85 45.85
N LEU A 359 -10.13 -27.59 45.47
CA LEU A 359 -8.87 -27.55 46.20
C LEU A 359 -7.95 -26.43 45.75
N TYR A 360 -7.94 -26.11 44.45
CA TYR A 360 -6.92 -25.25 43.88
C TYR A 360 -7.46 -23.96 43.28
N ASP A 361 -8.74 -23.62 43.49
CA ASP A 361 -9.25 -22.34 43.02
C ASP A 361 -8.75 -21.17 43.87
N SER A 362 -7.98 -21.44 44.92
CA SER A 362 -7.38 -20.39 45.73
C SER A 362 -5.98 -20.09 45.21
N GLY A 363 -5.69 -18.80 45.03
CA GLY A 363 -4.41 -18.41 44.45
C GLY A 363 -3.21 -19.02 45.16
N LYS A 364 -3.32 -19.22 46.47
CA LYS A 364 -2.22 -19.84 47.21
C LYS A 364 -1.99 -21.27 46.77
N ARG A 365 -3.07 -22.02 46.53
CA ARG A 365 -2.98 -23.45 46.27
C ARG A 365 -2.74 -23.79 44.81
N VAL A 366 -2.84 -22.83 43.89
CA VAL A 366 -2.60 -23.12 42.48
C VAL A 366 -1.20 -23.67 42.30
N TYR A 367 -0.21 -23.02 42.93
CA TYR A 367 1.18 -23.43 42.74
C TYR A 367 1.41 -24.86 43.19
N ASP A 368 0.63 -25.35 44.15
CA ASP A 368 0.76 -26.73 44.61
C ASP A 368 0.54 -27.73 43.49
N LEU A 369 0.05 -27.30 42.33
CA LEU A 369 -0.08 -28.21 41.20
C LEU A 369 1.28 -28.64 40.68
N THR A 370 2.32 -27.83 40.89
CA THR A 370 3.65 -28.19 40.42
C THR A 370 4.35 -29.18 41.34
N SER A 371 3.86 -29.35 42.56
CA SER A 371 4.48 -30.28 43.48
C SER A 371 4.40 -31.70 42.93
N GLU A 372 5.39 -32.52 43.30
CA GLU A 372 5.47 -33.87 42.77
C GLU A 372 4.26 -34.70 43.17
N SER A 373 3.92 -34.67 44.47
CA SER A 373 2.80 -35.47 44.98
C SER A 373 1.46 -35.02 44.46
N ASN A 374 1.39 -33.89 43.73
CA ASN A 374 0.16 -33.40 43.16
C ASN A 374 0.12 -33.50 41.64
N LYS A 375 1.14 -34.09 41.03
CA LYS A 375 1.09 -34.40 39.60
C LYS A 375 0.61 -35.81 39.34
N VAL A 376 0.43 -36.62 40.39
CA VAL A 376 -0.33 -37.86 40.27
C VAL A 376 -1.72 -37.58 39.70
N TRP A 377 -2.31 -36.43 40.04
CA TRP A 377 -3.57 -36.02 39.42
C TRP A 377 -3.45 -36.09 37.89
N PHE A 378 -2.44 -35.42 37.35
CA PHE A 378 -2.27 -35.35 35.91
C PHE A 378 -1.99 -36.73 35.33
N ASP A 379 -1.20 -37.54 36.03
CA ASP A 379 -0.98 -38.93 35.59
C ASP A 379 -2.30 -39.67 35.49
N LEU A 380 -3.19 -39.48 36.47
CA LEU A 380 -4.52 -40.07 36.41
C LEU A 380 -5.26 -39.60 35.16
N ASN A 381 -5.22 -38.29 34.90
CA ASN A 381 -5.82 -37.75 33.69
C ASN A 381 -5.30 -38.48 32.46
N ASN A 382 -3.98 -38.74 32.41
CA ASN A 382 -3.42 -39.52 31.32
C ASN A 382 -4.05 -40.91 31.28
N LEU A 383 -4.20 -41.55 32.45
CA LEU A 383 -4.84 -42.86 32.48
C LEU A 383 -6.24 -42.81 31.88
N CYS A 384 -6.91 -41.66 31.97
CA CYS A 384 -8.23 -41.51 31.34
C CYS A 384 -8.13 -41.15 29.87
N PHE A 385 -7.03 -40.53 29.43
CA PHE A 385 -6.92 -40.02 28.07
C PHE A 385 -6.46 -41.07 27.06
N ILE A 386 -5.80 -42.14 27.51
CA ILE A 386 -5.25 -43.14 26.61
C ILE A 386 -6.33 -44.13 26.19
N ASN A 387 -7.59 -43.84 26.53
CA ASN A 387 -8.69 -44.70 26.11
C ASN A 387 -8.95 -44.53 24.62
N ASN A 388 -9.56 -45.55 24.01
CA ASN A 388 -9.76 -45.55 22.57
C ASN A 388 -10.96 -44.71 22.14
N HIS A 389 -11.95 -44.54 23.02
CA HIS A 389 -13.18 -43.88 22.61
C HIS A 389 -12.88 -42.41 22.29
N PRO A 390 -13.29 -41.91 21.12
CA PRO A 390 -13.01 -40.49 20.81
C PRO A 390 -13.58 -39.52 21.85
N LYS A 391 -14.85 -39.70 22.21
CA LYS A 391 -15.46 -38.80 23.18
C LYS A 391 -14.75 -38.85 24.53
N THR A 392 -14.12 -39.98 24.85
CA THR A 392 -13.39 -40.08 26.11
C THR A 392 -12.13 -39.22 26.07
N ARG A 393 -11.35 -39.32 24.99
CA ARG A 393 -10.22 -38.41 24.81
C ARG A 393 -10.70 -36.96 24.88
N LEU A 394 -11.66 -36.62 24.03
CA LEU A 394 -12.16 -35.25 23.96
C LEU A 394 -12.55 -34.72 25.33
N SER A 396 -11.56 -35.90 28.35
CA SER A 396 -10.41 -35.88 29.25
C SER A 396 -9.53 -34.65 29.00
N ILE A 397 -9.45 -34.18 27.75
CA ILE A 397 -8.76 -32.94 27.47
C ILE A 397 -9.66 -31.72 27.64
N LYS A 398 -10.97 -31.91 27.68
CA LYS A 398 -11.89 -30.79 27.88
C LYS A 398 -11.96 -30.36 29.34
N VAL A 399 -11.81 -31.30 30.27
CA VAL A 399 -11.92 -30.96 31.69
C VAL A 399 -10.77 -30.10 32.19
N TRP A 400 -9.70 -29.95 31.41
CA TRP A 400 -8.62 -29.06 31.81
C TRP A 400 -9.07 -27.61 31.96
N ARG A 401 -10.28 -27.29 31.50
CA ARG A 401 -10.84 -25.95 31.67
C ARG A 401 -10.68 -25.45 33.10
N ILE A 402 -10.85 -26.34 34.08
CA ILE A 402 -10.70 -25.92 35.48
C ILE A 402 -9.27 -25.50 35.76
N ILE A 403 -8.30 -26.25 35.23
CA ILE A 403 -6.90 -25.84 35.38
C ILE A 403 -6.67 -24.49 34.72
N THR A 404 -7.23 -24.29 33.53
CA THR A 404 -7.12 -23.00 32.86
C THR A 404 -7.65 -21.88 33.75
N TYR A 405 -8.81 -22.09 34.36
CA TYR A 405 -9.40 -21.07 35.21
C TYR A 405 -8.51 -20.79 36.43
N CYS A 406 -8.17 -21.84 37.17
CA CYS A 406 -7.36 -21.65 38.37
C CYS A 406 -6.06 -20.92 38.05
N ILE A 407 -5.30 -21.43 37.07
CA ILE A 407 -3.99 -20.86 36.76
C ILE A 407 -4.14 -19.42 36.26
N CYS A 408 -5.07 -19.19 35.32
CA CYS A 408 -5.14 -17.90 34.67
C CYS A 408 -5.71 -16.83 35.58
N THR A 409 -6.70 -17.17 36.41
CA THR A 409 -7.43 -16.19 37.19
C THR A 409 -6.98 -16.11 38.64
N LYS A 410 -6.12 -17.03 39.10
CA LYS A 410 -5.67 -17.04 40.49
C LYS A 410 -4.16 -16.98 40.61
N ILE A 411 -3.47 -16.57 39.55
CA ILE A 411 -2.01 -16.43 39.61
C ILE A 411 -1.67 -15.16 40.36
N SER A 412 -0.50 -15.16 41.02
CA SER A 412 -0.08 -14.04 41.83
C SER A 412 0.92 -13.12 41.13
N GLN A 413 1.56 -13.58 40.05
CA GLN A 413 2.52 -12.79 39.27
C GLN A 413 3.87 -12.67 39.97
N LYS A 414 3.90 -12.84 41.29
CA LYS A 414 5.12 -12.59 42.05
C LYS A 414 6.19 -13.61 41.70
N ASN A 415 5.89 -14.90 41.88
CA ASN A 415 6.86 -15.97 41.64
C ASN A 415 6.87 -16.27 40.15
N GLN A 416 7.68 -15.51 39.41
CA GLN A 416 7.70 -15.66 37.95
C GLN A 416 8.05 -17.09 37.54
N GLU A 417 8.98 -17.72 38.26
CA GLU A 417 9.36 -19.09 37.92
C GLU A 417 8.21 -20.06 38.21
N GLY A 418 7.56 -19.90 39.35
CA GLY A 418 6.36 -20.70 39.62
C GLY A 418 5.29 -20.50 38.58
N ASN A 419 5.12 -19.25 38.13
CA ASN A 419 4.17 -18.97 37.06
C ASN A 419 4.54 -19.71 35.79
N LYS A 420 5.82 -19.68 35.42
CA LYS A 420 6.26 -20.32 34.19
C LYS A 420 6.07 -21.84 34.26
N SER A 421 6.35 -22.42 35.42
CA SER A 421 6.10 -23.86 35.58
C SER A 421 4.61 -24.17 35.49
N LEU A 422 3.77 -23.34 36.13
CA LEU A 422 2.33 -23.56 36.07
C LEU A 422 1.82 -23.47 34.63
N LEU A 423 2.36 -22.54 33.85
CA LEU A 423 1.94 -22.40 32.46
C LEU A 423 2.45 -23.57 31.63
N SER A 424 3.66 -24.07 31.94
CA SER A 424 4.15 -25.27 31.28
C SER A 424 3.22 -26.45 31.56
N LEU A 425 2.69 -26.53 32.78
CA LEU A 425 1.70 -27.57 33.07
C LEU A 425 0.38 -27.29 32.37
N LEU A 426 0.05 -26.02 32.14
CA LEU A 426 -1.16 -25.69 31.41
C LEU A 426 -1.06 -26.04 29.94
N ARG A 427 0.16 -26.15 29.40
CA ARG A 427 0.37 -26.58 28.02
C ARG A 427 0.35 -28.10 27.89
N THR A 428 0.07 -28.83 28.97
CA THR A 428 0.07 -30.28 28.90
C THR A 428 -0.88 -30.83 27.84
N PRO A 429 -2.13 -30.39 27.76
CA PRO A 429 -3.03 -30.93 26.72
C PRO A 429 -2.42 -30.99 25.34
N PHE A 430 -1.65 -29.97 24.95
CA PHE A 430 -0.98 -30.01 23.65
C PHE A 430 0.02 -31.17 23.60
N GLN A 431 0.80 -31.33 24.68
CA GLN A 431 1.72 -32.48 24.75
C GLN A 431 0.98 -33.79 24.60
N THR A 433 -2.04 -34.29 22.97
CA THR A 433 -2.66 -34.40 21.67
C THR A 433 -1.67 -34.36 20.51
N LEU A 434 -0.40 -34.07 20.77
CA LEU A 434 0.59 -33.99 19.71
C LEU A 434 0.60 -35.25 18.86
N PRO A 435 0.79 -36.44 19.44
CA PRO A 435 0.83 -37.67 18.64
C PRO A 435 -0.54 -38.14 18.16
N TYR A 436 -1.62 -37.47 18.55
CA TYR A 436 -2.96 -37.81 18.12
C TYR A 436 -3.51 -36.81 17.10
N VAL A 437 -2.63 -35.99 16.51
CA VAL A 437 -3.10 -34.90 15.66
C VAL A 437 -3.86 -35.37 14.44
N ASN A 438 -3.72 -36.65 14.08
CA ASN A 438 -4.46 -37.20 12.95
C ASN A 438 -5.89 -37.56 13.31
N ASP A 439 -6.28 -37.45 14.58
CA ASP A 439 -7.63 -37.80 15.02
C ASP A 439 -8.46 -36.53 15.16
N PRO A 440 -9.65 -36.45 14.56
CA PRO A 440 -10.46 -35.24 14.70
C PRO A 440 -10.72 -34.85 16.14
N SER A 441 -11.05 -35.81 17.02
CA SER A 441 -11.38 -35.48 18.40
C SER A 441 -10.23 -34.74 19.08
N ALA A 442 -9.00 -35.23 18.88
CA ALA A 442 -7.84 -34.57 19.48
C ALA A 442 -7.70 -33.14 18.99
N ARG A 443 -7.99 -32.90 17.71
CA ARG A 443 -7.91 -31.54 17.18
C ARG A 443 -8.98 -30.65 17.79
N GLU A 444 -10.23 -31.11 17.81
CA GLU A 444 -11.29 -30.35 18.46
C GLU A 444 -10.90 -30.03 19.90
N GLY A 445 -10.23 -30.97 20.57
CA GLY A 445 -9.78 -30.71 21.93
C GLY A 445 -8.70 -29.65 21.98
N ILE A 446 -7.76 -29.67 21.03
CA ILE A 446 -6.75 -28.62 20.93
C ILE A 446 -7.43 -27.27 20.83
N ILE A 447 -8.29 -27.11 19.81
CA ILE A 447 -9.00 -25.84 19.63
C ILE A 447 -9.72 -25.45 20.91
N TYR A 448 -10.45 -26.39 21.51
CA TYR A 448 -11.19 -26.13 22.73
C TYR A 448 -10.28 -25.55 23.82
N HIS A 449 -9.19 -26.26 24.13
CA HIS A 449 -8.34 -25.85 25.24
C HIS A 449 -7.65 -24.52 24.95
N LEU A 450 -7.15 -24.34 23.72
CA LEU A 450 -6.53 -23.07 23.38
C LEU A 450 -7.52 -21.91 23.54
N LEU A 451 -8.73 -22.07 23.01
CA LEU A 451 -9.73 -21.02 23.13
C LEU A 451 -10.04 -20.74 24.60
N GLY A 452 -10.07 -21.79 25.43
CA GLY A 452 -10.24 -21.58 26.85
C GLY A 452 -9.10 -20.77 27.45
N VAL A 453 -7.87 -21.04 27.01
CA VAL A 453 -6.70 -20.34 27.53
C VAL A 453 -6.74 -18.87 27.14
N VAL A 454 -6.97 -18.61 25.86
CA VAL A 454 -7.00 -17.22 25.38
C VAL A 454 -8.15 -16.46 26.03
N TYR A 455 -9.31 -17.10 26.15
CA TYR A 455 -10.46 -16.44 26.75
C TYR A 455 -10.19 -16.12 28.21
N THR A 456 -9.70 -17.09 28.97
CA THR A 456 -9.50 -16.92 30.40
C THR A 456 -8.28 -16.06 30.72
N ALA A 457 -7.38 -15.86 29.76
CA ALA A 457 -6.16 -15.10 30.00
C ALA A 457 -6.23 -13.67 29.49
N PHE A 458 -6.94 -13.42 28.39
CA PHE A 458 -6.98 -12.10 27.77
C PHE A 458 -8.40 -11.54 27.69
N THR A 459 -9.31 -12.22 27.01
CA THR A 459 -10.61 -11.63 26.72
C THR A 459 -11.41 -11.39 27.99
N SER A 460 -11.29 -12.27 28.98
CA SER A 460 -12.07 -12.16 30.21
C SER A 460 -11.28 -11.58 31.37
N ASN A 461 -9.98 -11.87 31.45
CA ASN A 461 -9.14 -11.36 32.55
C ASN A 461 -9.01 -9.85 32.39
N LYS A 462 -9.78 -9.09 33.17
CA LYS A 462 -9.76 -7.64 33.10
C LYS A 462 -8.58 -7.02 33.85
N ASN A 463 -7.74 -7.84 34.48
CA ASN A 463 -6.59 -7.33 35.23
C ASN A 463 -5.27 -7.62 34.54
N LEU A 464 -5.28 -7.80 33.22
CA LEU A 464 -4.03 -7.89 32.47
C LEU A 464 -3.43 -6.50 32.32
N SER A 465 -2.12 -6.41 32.50
CA SER A 465 -1.42 -5.14 32.46
C SER A 465 0.01 -5.39 32.00
N THR A 466 0.88 -4.40 32.16
CA THR A 466 2.26 -4.53 31.71
C THR A 466 2.93 -5.73 32.35
N ASP A 467 2.97 -5.77 33.69
CA ASP A 467 3.63 -6.87 34.37
C ASP A 467 2.96 -8.22 34.10
N PHE A 469 0.69 -8.98 31.09
CA PHE A 469 0.61 -9.34 29.68
C PHE A 469 1.92 -9.95 29.19
N GLU A 470 3.06 -9.54 29.75
CA GLU A 470 4.32 -10.16 29.38
C GLU A 470 4.37 -11.61 29.86
N LEU A 471 4.01 -11.84 31.13
CA LEU A 471 4.03 -13.21 31.65
C LEU A 471 3.08 -14.11 30.89
N PHE A 472 1.94 -13.58 30.42
CA PHE A 472 1.01 -14.41 29.65
C PHE A 472 1.52 -14.64 28.23
N TRP A 473 1.93 -13.57 27.55
CA TRP A 473 2.27 -13.69 26.14
C TRP A 473 3.62 -14.37 25.93
N ASP A 474 4.63 -14.01 26.73
CA ASP A 474 5.97 -14.52 26.53
C ASP A 474 6.20 -15.89 27.16
N HIS A 475 5.28 -16.37 27.99
CA HIS A 475 5.47 -17.64 28.69
C HIS A 475 4.24 -18.56 28.60
N LEU A 476 3.23 -18.21 27.81
CA LEU A 476 2.09 -19.09 27.63
C LEU A 476 1.67 -19.13 26.17
N ILE A 477 1.36 -17.98 25.58
CA ILE A 477 0.96 -17.93 24.18
C ILE A 477 2.14 -18.28 23.28
N THR A 478 3.22 -17.51 23.39
CA THR A 478 4.39 -17.75 22.54
C THR A 478 4.91 -19.18 22.67
N PRO A 479 5.09 -19.74 23.86
CA PRO A 479 5.46 -21.17 23.93
C PRO A 479 4.45 -22.09 23.25
N ILE A 480 3.15 -21.81 23.42
CA ILE A 480 2.13 -22.66 22.78
C ILE A 480 2.32 -22.66 21.26
N TYR A 481 2.52 -21.48 20.68
CA TYR A 481 2.57 -21.39 19.22
C TYR A 481 3.89 -21.86 18.66
N GLU A 482 5.01 -21.49 19.30
CA GLU A 482 6.31 -21.90 18.78
C GLU A 482 6.57 -23.38 19.01
N ASP A 483 6.09 -23.93 20.13
CA ASP A 483 6.35 -25.33 20.44
C ASP A 483 5.35 -26.26 19.76
N TYR A 484 4.15 -25.80 19.46
CA TYR A 484 3.09 -26.70 19.00
C TYR A 484 2.40 -26.22 17.73
N VAL A 485 1.80 -25.03 17.76
CA VAL A 485 0.89 -24.62 16.69
C VAL A 485 1.60 -24.62 15.35
N PHE A 486 2.76 -23.96 15.27
CA PHE A 486 3.47 -23.85 14.01
C PHE A 486 3.92 -25.19 13.45
N LYS A 487 3.79 -26.28 14.23
CA LYS A 487 4.25 -27.58 13.81
C LYS A 487 3.14 -28.54 13.44
N TYR A 488 1.88 -28.19 13.68
CA TYR A 488 0.77 -29.02 13.25
C TYR A 488 0.67 -28.99 11.73
N ASP A 489 0.35 -30.15 11.14
CA ASP A 489 0.38 -30.31 9.69
C ASP A 489 -0.94 -29.96 9.02
N SER A 490 -2.06 -30.39 9.58
CA SER A 490 -3.35 -30.16 8.93
C SER A 490 -3.63 -28.66 8.88
N ILE A 491 -3.72 -28.12 7.66
CA ILE A 491 -3.85 -26.67 7.47
C ILE A 491 -5.19 -26.15 7.95
N HIS A 492 -6.14 -27.03 8.28
CA HIS A 492 -7.40 -26.57 8.85
C HIS A 492 -7.23 -26.25 10.33
N LEU A 493 -6.51 -27.11 11.06
CA LEU A 493 -6.15 -26.79 12.44
C LEU A 493 -5.36 -25.50 12.50
N GLN A 494 -4.28 -25.41 11.72
CA GLN A 494 -3.53 -24.16 11.62
C GLN A 494 -4.45 -23.01 11.23
N ASN A 495 -5.44 -23.27 10.38
CA ASN A 495 -6.35 -22.21 9.99
C ASN A 495 -7.14 -21.69 11.18
N VAL A 496 -7.61 -22.60 12.04
CA VAL A 496 -8.40 -22.17 13.20
C VAL A 496 -7.53 -21.42 14.20
N LEU A 497 -6.39 -22.00 14.58
CA LEU A 497 -5.55 -21.38 15.60
C LEU A 497 -5.00 -20.04 15.10
N PHE A 498 -4.44 -20.01 13.89
CA PHE A 498 -4.02 -18.75 13.31
C PHE A 498 -5.17 -17.76 13.24
N THR A 499 -6.38 -18.26 12.96
CA THR A 499 -7.55 -17.37 12.98
C THR A 499 -7.75 -16.78 14.37
N VAL A 500 -7.49 -17.56 15.42
CA VAL A 500 -7.49 -17.00 16.77
C VAL A 500 -6.52 -15.82 16.85
N LEU A 501 -5.29 -16.03 16.35
CA LEU A 501 -4.33 -14.93 16.36
C LEU A 501 -4.87 -13.71 15.63
N HIS A 502 -5.45 -13.92 14.44
CA HIS A 502 -5.98 -12.81 13.67
C HIS A 502 -7.07 -12.08 14.44
N LEU A 503 -7.91 -12.82 15.18
CA LEU A 503 -8.98 -12.19 15.93
C LEU A 503 -8.46 -11.42 17.13
N LEU A 504 -7.34 -11.85 17.70
CA LEU A 504 -6.78 -11.10 18.82
C LEU A 504 -6.40 -9.69 18.41
N ILE A 505 -5.71 -9.55 17.28
CA ILE A 505 -5.21 -8.25 16.84
C ILE A 505 -6.27 -7.53 16.00
N GLY A 506 -7.49 -7.44 16.52
CA GLY A 506 -8.54 -6.73 15.81
C GLY A 506 -8.86 -7.42 14.48
N GLY A 507 -9.10 -6.59 13.46
CA GLY A 507 -9.43 -7.08 12.13
C GLY A 507 -10.31 -8.31 12.14
N LYS A 508 -11.33 -8.30 12.97
CA LYS A 508 -12.08 -9.51 13.28
C LYS A 508 -13.04 -9.89 12.16
N ASN A 509 -13.24 -11.19 12.02
CA ASN A 509 -14.34 -11.76 11.23
C ASN A 509 -14.97 -12.88 12.04
N ALA A 510 -15.33 -12.57 13.28
CA ALA A 510 -15.77 -13.57 14.25
C ALA A 510 -17.28 -13.72 14.30
N ASP A 511 -18.01 -13.10 13.38
CA ASP A 511 -19.47 -13.15 13.31
C ASP A 511 -20.13 -12.37 14.45
N VAL A 512 -19.35 -11.80 15.36
CA VAL A 512 -19.90 -11.03 16.48
C VAL A 512 -19.08 -9.76 16.66
N ILE A 522 -18.32 -12.85 29.02
CA ILE A 522 -17.68 -11.67 29.63
C ILE A 522 -17.00 -12.05 30.93
N HIS A 523 -17.61 -13.02 31.67
CA HIS A 523 -17.02 -13.47 32.93
C HIS A 523 -16.11 -14.67 32.67
N PRO A 524 -14.94 -14.74 33.33
CA PRO A 524 -14.07 -15.91 33.09
C PRO A 524 -14.74 -17.24 33.39
N SER A 526 -17.26 -18.87 32.56
CA SER A 526 -17.81 -19.67 31.47
C SER A 526 -16.81 -20.61 30.83
N VAL A 527 -15.51 -20.42 31.09
CA VAL A 527 -14.52 -21.35 30.55
C VAL A 527 -14.79 -22.77 31.03
N ILE A 528 -15.46 -22.91 32.18
CA ILE A 528 -15.72 -24.21 32.78
C ILE A 528 -17.10 -24.69 32.31
N ALA A 529 -17.23 -24.97 31.01
CA ALA A 529 -18.50 -25.37 30.42
C ALA A 529 -18.29 -26.56 29.51
N SER A 530 -19.39 -27.24 29.19
CA SER A 530 -19.34 -28.39 28.29
C SER A 530 -19.02 -27.96 26.87
N GLU A 531 -19.66 -26.88 26.39
CA GLU A 531 -19.35 -26.39 25.06
C GLU A 531 -18.10 -25.51 25.05
N GLY A 532 -17.79 -24.86 26.16
CA GLY A 532 -16.59 -24.06 26.26
C GLY A 532 -16.68 -22.77 25.48
N VAL A 533 -15.52 -22.29 25.05
CA VAL A 533 -15.42 -21.02 24.34
C VAL A 533 -15.49 -21.27 22.84
N LYS A 534 -16.01 -20.30 22.11
CA LYS A 534 -16.07 -20.33 20.66
C LYS A 534 -15.32 -19.13 20.10
N LEU A 535 -15.05 -19.18 18.79
CA LEU A 535 -14.30 -18.09 18.16
C LEU A 535 -15.00 -16.75 18.32
N LYS A 536 -16.33 -16.76 18.41
CA LYS A 536 -17.08 -15.51 18.54
C LYS A 536 -16.89 -14.83 19.89
N ASP A 537 -16.04 -15.36 20.77
CA ASP A 537 -15.82 -14.80 22.11
C ASP A 537 -14.34 -14.58 22.35
N ILE A 538 -13.68 -13.87 21.43
CA ILE A 538 -12.23 -13.72 21.50
C ILE A 538 -11.82 -12.26 21.40
N SER A 539 -12.17 -11.61 20.28
CA SER A 539 -11.68 -10.26 20.03
C SER A 539 -12.09 -9.33 21.18
N SER A 540 -11.28 -8.30 21.44
CA SER A 540 -10.00 -8.00 20.76
C SER A 540 -8.84 -8.38 21.67
N LEU A 541 -7.94 -7.42 21.97
CA LEU A 541 -6.72 -7.76 22.70
C LEU A 541 -6.52 -6.99 24.00
N PRO A 542 -6.83 -5.69 24.11
CA PRO A 542 -7.36 -4.59 23.29
C PRO A 542 -6.26 -3.74 22.62
N PRO A 543 -6.63 -2.71 21.85
CA PRO A 543 -5.60 -1.92 21.16
C PRO A 543 -4.54 -1.32 22.09
N GLN A 544 -4.95 -0.76 23.23
CA GLN A 544 -3.99 -0.09 24.09
C GLN A 544 -2.85 -1.01 24.50
N ILE A 545 -3.10 -2.33 24.51
CA ILE A 545 -2.00 -3.27 24.70
C ILE A 545 -1.23 -3.47 23.40
N ILE A 546 -1.91 -3.40 22.26
CA ILE A 546 -1.22 -3.59 20.98
C ILE A 546 -0.17 -2.52 20.77
N LYS A 547 -0.53 -1.25 21.00
CA LYS A 547 0.44 -0.17 20.80
C LYS A 547 1.67 -0.35 21.66
N ARG A 548 1.51 -0.89 22.88
CA ARG A 548 2.66 -1.12 23.74
C ARG A 548 3.50 -2.29 23.24
N GLU A 549 2.90 -3.48 23.20
CA GLU A 549 3.60 -4.72 22.93
C GLU A 549 3.50 -5.13 21.46
N TYR A 550 3.42 -4.17 20.56
CA TYR A 550 3.30 -4.47 19.13
C TYR A 550 4.40 -5.42 18.68
N ASP A 551 5.65 -5.11 19.02
CA ASP A 551 6.76 -5.95 18.61
C ASP A 551 6.59 -7.38 19.13
N LYS A 552 6.26 -7.51 20.42
CA LYS A 552 6.06 -8.84 21.00
C LYS A 552 5.04 -9.65 20.19
N ILE A 553 3.90 -9.02 19.88
CA ILE A 553 2.83 -9.73 19.17
C ILE A 553 3.30 -10.13 17.78
N LYS A 555 6.15 -10.61 16.64
CA LYS A 555 7.15 -11.67 16.67
C LYS A 555 6.52 -13.05 16.59
N VAL A 556 5.24 -13.18 16.87
CA VAL A 556 4.49 -14.42 16.67
C VAL A 556 3.69 -14.38 15.39
N VAL A 557 2.96 -13.27 15.17
CA VAL A 557 2.17 -13.14 13.94
C VAL A 557 3.04 -13.41 12.72
N PHE A 558 4.24 -12.85 12.69
CA PHE A 558 5.12 -13.04 11.54
C PHE A 558 5.43 -14.51 11.31
N GLN A 559 5.77 -15.24 12.37
CA GLN A 559 6.00 -16.67 12.23
C GLN A 559 4.77 -17.35 11.63
N ALA A 560 3.60 -17.04 12.17
CA ALA A 560 2.36 -17.59 11.63
C ALA A 560 2.28 -17.34 10.12
N VAL A 561 2.60 -16.12 9.69
CA VAL A 561 2.55 -15.80 8.27
C VAL A 561 3.55 -16.65 7.49
N GLU A 562 4.76 -16.79 8.02
CA GLU A 562 5.81 -17.50 7.29
C GLU A 562 5.50 -18.99 7.16
N VAL A 563 4.75 -19.56 8.11
CA VAL A 563 4.42 -20.97 8.05
C VAL A 563 3.13 -21.25 7.27
N ALA A 564 2.29 -20.24 7.06
CA ALA A 564 1.00 -20.41 6.39
C ALA A 564 1.00 -19.74 5.02
N ILE A 565 2.09 -19.91 4.27
CA ILE A 565 2.17 -19.29 2.95
C ILE A 565 1.23 -19.99 1.96
N SER A 566 0.96 -21.28 2.17
CA SER A 566 0.02 -21.99 1.33
C SER A 566 -1.40 -21.48 1.55
N ASN A 567 -1.74 -21.10 2.79
CA ASN A 567 -3.04 -20.53 3.10
C ASN A 567 -2.94 -19.04 2.82
N VAL A 568 -3.25 -18.65 1.58
CA VAL A 568 -3.03 -17.28 1.15
C VAL A 568 -3.95 -16.32 1.88
N ASN A 569 -5.20 -16.72 2.13
CA ASN A 569 -6.15 -15.84 2.80
C ASN A 569 -5.61 -15.37 4.15
N LEU A 570 -5.09 -16.30 4.95
CA LEU A 570 -4.61 -15.93 6.29
C LEU A 570 -3.43 -14.98 6.20
N ALA A 571 -2.54 -15.18 5.23
CA ALA A 571 -1.43 -14.26 5.05
C ALA A 571 -1.93 -12.88 4.66
N HIS A 572 -2.88 -12.81 3.73
CA HIS A 572 -3.45 -11.53 3.31
C HIS A 572 -4.07 -10.80 4.49
N ASP A 573 -4.98 -11.46 5.21
CA ASP A 573 -5.69 -10.79 6.30
C ASP A 573 -4.75 -10.45 7.45
N LEU A 574 -3.80 -11.34 7.76
CA LEU A 574 -2.88 -11.08 8.86
C LEU A 574 -1.96 -9.91 8.55
N ILE A 575 -1.40 -9.88 7.35
CA ILE A 575 -0.51 -8.77 6.98
C ILE A 575 -1.30 -7.47 6.90
N LEU A 576 -2.50 -7.52 6.31
CA LEU A 576 -3.30 -6.30 6.15
C LEU A 576 -3.73 -5.74 7.51
N THR A 577 -4.52 -6.51 8.26
CA THR A 577 -4.96 -6.05 9.57
C THR A 577 -3.80 -5.88 10.55
N SER A 578 -2.62 -6.41 10.22
CA SER A 578 -1.43 -6.16 11.02
C SER A 578 -0.88 -4.77 10.74
N LEU A 579 -0.79 -4.40 9.45
CA LEU A 579 -0.38 -3.04 9.10
C LEU A 579 -1.39 -2.02 9.61
N LYS A 580 -2.68 -2.36 9.55
CA LYS A 580 -3.71 -1.43 9.98
C LYS A 580 -3.55 -1.03 11.44
N HIS A 581 -2.95 -1.90 12.25
CA HIS A 581 -2.72 -1.63 13.66
C HIS A 581 -1.30 -1.20 13.97
N LEU A 582 -0.52 -0.89 12.94
CA LEU A 582 0.83 -0.37 13.16
C LEU A 582 0.73 1.05 13.69
N PRO A 583 1.31 1.38 14.85
CA PRO A 583 1.21 2.75 15.35
C PRO A 583 1.96 3.74 14.47
N GLU A 584 1.48 4.98 14.49
CA GLU A 584 2.15 6.04 13.73
C GLU A 584 3.57 6.25 14.20
N ASP A 585 3.81 6.13 15.51
CA ASP A 585 5.12 6.34 16.10
C ASP A 585 6.10 5.22 15.78
N ARG A 586 5.70 4.21 15.00
CA ARG A 586 6.59 3.11 14.62
C ARG A 586 6.73 2.97 13.11
N LYS A 587 6.36 4.01 12.36
CA LYS A 587 6.49 4.00 10.91
C LYS A 587 7.89 4.49 10.53
N ASP A 588 8.86 3.61 10.71
CA ASP A 588 10.24 3.90 10.37
C ASP A 588 10.75 2.86 9.38
N GLN A 589 12.07 2.87 9.14
CA GLN A 589 12.64 2.02 8.10
C GLN A 589 12.67 0.57 8.53
N THR A 590 12.93 0.30 9.81
CA THR A 590 13.05 -1.08 10.27
C THR A 590 11.79 -1.88 9.98
N HIS A 591 10.64 -1.39 10.48
CA HIS A 591 9.39 -2.09 10.25
C HIS A 591 9.11 -2.25 8.76
N LEU A 592 9.39 -1.20 7.98
CA LEU A 592 9.19 -1.28 6.53
C LEU A 592 9.97 -2.44 5.93
N GLU A 593 11.26 -2.54 6.27
CA GLU A 593 12.09 -3.61 5.74
C GLU A 593 11.63 -4.98 6.24
N SER A 594 11.16 -5.05 7.49
CA SER A 594 10.65 -6.32 8.01
C SER A 594 9.45 -6.80 7.20
N PHE A 595 8.46 -5.92 7.02
CA PHE A 595 7.32 -6.27 6.17
C PHE A 595 7.78 -6.60 4.76
N SER A 596 8.82 -5.94 4.26
CA SER A 596 9.34 -6.25 2.93
C SER A 596 9.83 -7.69 2.87
N SER A 597 10.66 -8.09 3.83
CA SER A 597 11.15 -9.46 3.86
C SER A 597 9.99 -10.45 4.01
N LEU A 598 8.99 -10.10 4.82
CA LEU A 598 7.86 -10.99 5.03
C LEU A 598 7.11 -11.22 3.72
N ILE A 599 6.66 -10.14 3.07
CA ILE A 599 5.94 -10.26 1.81
C ILE A 599 6.80 -11.02 0.80
N LEU A 600 8.09 -10.68 0.71
CA LEU A 600 8.98 -11.38 -0.20
C LEU A 600 8.98 -12.88 0.07
N LYS A 601 8.91 -13.28 1.34
CA LYS A 601 8.79 -14.70 1.67
C LYS A 601 7.44 -15.26 1.25
N VAL A 602 6.39 -14.44 1.32
CA VAL A 602 5.07 -14.90 0.88
C VAL A 602 5.07 -15.20 -0.61
N THR A 603 5.78 -14.40 -1.39
CA THR A 603 5.81 -14.62 -2.84
C THR A 603 6.79 -15.72 -3.23
N GLN A 604 7.96 -15.74 -2.59
CA GLN A 604 8.99 -16.73 -2.93
C GLN A 604 8.45 -18.15 -2.83
N ASN A 605 7.69 -18.43 -1.76
CA ASN A 605 7.18 -19.77 -1.51
C ASN A 605 5.80 -20.01 -2.10
N ASN A 606 5.40 -19.23 -3.10
CA ASN A 606 4.14 -19.42 -3.79
C ASN A 606 4.36 -19.27 -5.28
N LYS A 607 3.33 -19.61 -6.06
CA LYS A 607 3.39 -19.52 -7.51
C LYS A 607 2.28 -18.62 -8.01
N ASP A 608 2.57 -17.90 -9.09
CA ASP A 608 1.70 -16.82 -9.57
C ASP A 608 0.42 -17.42 -10.16
N THR A 609 -0.67 -17.29 -9.41
CA THR A 609 -2.00 -17.58 -9.91
C THR A 609 -2.81 -16.29 -9.89
N PRO A 610 -3.84 -16.16 -10.73
CA PRO A 610 -4.64 -14.92 -10.71
C PRO A 610 -5.12 -14.55 -9.32
N ILE A 611 -5.49 -15.55 -8.52
CA ILE A 611 -5.95 -15.29 -7.15
C ILE A 611 -4.81 -14.71 -6.32
N PHE A 612 -3.67 -15.42 -6.29
CA PHE A 612 -2.50 -14.91 -5.59
C PHE A 612 -2.04 -13.58 -6.18
N ARG A 613 -2.31 -13.35 -7.47
CA ARG A 613 -2.01 -12.05 -8.05
C ARG A 613 -2.84 -10.96 -7.40
N ASP A 614 -4.16 -11.19 -7.26
CA ASP A 614 -5.02 -10.19 -6.65
C ASP A 614 -4.63 -9.97 -5.18
N PHE A 615 -4.60 -11.04 -4.39
CA PHE A 615 -4.25 -10.89 -2.98
C PHE A 615 -2.90 -10.20 -2.82
N PHE A 616 -1.87 -10.71 -3.51
CA PHE A 616 -0.55 -10.10 -3.43
C PHE A 616 -0.61 -8.62 -3.80
N GLY A 617 -1.42 -8.27 -4.80
CA GLY A 617 -1.58 -6.87 -5.15
C GLY A 617 -2.14 -6.05 -4.01
N ALA A 618 -3.17 -6.56 -3.33
CA ALA A 618 -3.72 -5.85 -2.18
C ALA A 618 -2.68 -5.70 -1.07
N VAL A 619 -1.87 -6.73 -0.86
CA VAL A 619 -0.85 -6.68 0.18
C VAL A 619 0.20 -5.62 -0.13
N THR A 620 0.74 -5.62 -1.35
CA THR A 620 1.72 -4.62 -1.72
C THR A 620 1.12 -3.21 -1.63
N SER A 621 -0.10 -3.04 -2.14
CA SER A 621 -0.72 -1.72 -2.12
C SER A 621 -0.87 -1.22 -0.69
N SER A 622 -1.44 -2.04 0.19
CA SER A 622 -1.63 -1.62 1.57
C SER A 622 -0.28 -1.39 2.26
N PHE A 623 0.75 -2.15 1.88
CA PHE A 623 2.06 -1.97 2.47
C PHE A 623 2.66 -0.62 2.09
N VAL A 624 2.63 -0.27 0.81
CA VAL A 624 3.14 1.02 0.37
C VAL A 624 2.30 2.15 0.98
N TYR A 625 0.99 1.97 1.04
CA TYR A 625 0.12 3.01 1.59
C TYR A 625 0.37 3.22 3.08
N THR A 626 0.70 2.15 3.81
CA THR A 626 0.98 2.29 5.24
C THR A 626 2.19 3.19 5.46
N PHE A 627 3.28 2.93 4.73
CA PHE A 627 4.51 3.69 4.85
C PHE A 627 4.65 4.74 3.75
N LEU A 628 3.54 5.36 3.35
CA LEU A 628 3.58 6.25 2.18
C LEU A 628 4.58 7.38 2.38
N ASP A 629 4.51 8.06 3.51
CA ASP A 629 5.40 9.19 3.76
C ASP A 629 6.87 8.78 3.89
N LEU A 630 7.18 7.49 3.80
CA LEU A 630 8.56 7.05 3.71
C LEU A 630 8.99 6.66 2.31
N PHE A 631 8.04 6.30 1.44
CA PHE A 631 8.34 6.03 0.05
C PHE A 631 8.32 7.28 -0.83
N LEU A 632 7.76 8.38 -0.33
CA LEU A 632 7.59 9.61 -1.12
C LEU A 632 8.67 10.64 -0.82
N ARG A 633 9.90 10.19 -0.60
CA ARG A 633 11.05 11.06 -0.48
C ARG A 633 12.02 10.76 -1.62
N LYS A 634 12.68 11.82 -2.11
CA LYS A 634 13.36 11.74 -3.41
C LYS A 634 14.60 10.86 -3.39
N ASN A 635 15.24 10.67 -2.24
CA ASN A 635 16.54 10.02 -2.18
C ASN A 635 16.54 8.68 -1.48
N ASP A 636 15.37 8.17 -1.07
CA ASP A 636 15.33 6.87 -0.39
C ASP A 636 15.52 5.73 -1.38
N SER A 637 14.76 5.74 -2.48
CA SER A 637 14.80 4.70 -3.50
C SER A 637 14.33 3.35 -2.96
N SER A 638 13.79 3.30 -1.74
CA SER A 638 13.29 2.04 -1.21
C SER A 638 12.14 1.50 -2.06
N LEU A 639 11.31 2.40 -2.60
CA LEU A 639 10.24 1.98 -3.49
C LEU A 639 10.80 1.26 -4.71
N VAL A 640 11.95 1.71 -5.20
CA VAL A 640 12.56 1.08 -6.37
C VAL A 640 13.03 -0.32 -6.02
N ASN A 641 13.82 -0.45 -4.96
CA ASN A 641 14.26 -1.76 -4.51
C ASN A 641 13.08 -2.71 -4.33
N PHE A 642 12.03 -2.24 -3.64
CA PHE A 642 10.86 -3.08 -3.42
C PHE A 642 10.23 -3.50 -4.74
N ASN A 643 10.09 -2.57 -5.69
CA ASN A 643 9.56 -2.93 -7.00
C ASN A 643 10.40 -4.02 -7.64
N ILE A 644 11.72 -3.90 -7.55
CA ILE A 644 12.60 -4.94 -8.07
C ILE A 644 12.30 -6.27 -7.38
N GLN A 645 12.02 -6.24 -6.08
CA GLN A 645 11.74 -7.48 -5.36
C GLN A 645 10.45 -8.12 -5.85
N ILE A 646 9.39 -7.33 -6.02
CA ILE A 646 8.09 -7.89 -6.36
C ILE A 646 8.03 -8.35 -7.81
N SER A 647 8.90 -7.85 -8.67
CA SER A 647 8.89 -8.24 -10.08
C SER A 647 9.26 -9.70 -10.28
N LYS A 648 9.70 -10.40 -9.23
CA LYS A 648 10.17 -11.77 -9.39
C LYS A 648 9.01 -12.72 -9.65
N VAL A 649 7.96 -12.66 -8.83
CA VAL A 649 6.84 -13.58 -8.94
C VAL A 649 5.64 -12.87 -9.55
N GLY A 650 5.66 -12.67 -10.86
CA GLY A 650 4.57 -12.01 -11.55
C GLY A 650 4.76 -12.01 -13.06
N ILE A 651 3.68 -12.25 -13.80
CA ILE A 651 3.73 -12.30 -15.25
C ILE A 651 3.89 -10.89 -15.81
N SER A 652 2.84 -10.07 -15.67
CA SER A 652 2.85 -8.71 -16.19
C SER A 652 3.38 -7.77 -15.10
N GLN A 653 4.70 -7.72 -15.00
CA GLN A 653 5.34 -6.95 -13.95
C GLN A 653 5.11 -5.45 -14.12
N GLY A 654 5.21 -4.96 -15.36
CA GLY A 654 4.89 -3.56 -15.60
C GLY A 654 3.50 -3.20 -15.12
N ASN A 655 2.51 -4.04 -15.45
CA ASN A 655 1.16 -3.83 -14.96
C ASN A 655 1.02 -4.06 -13.47
N THR A 657 3.39 -2.85 -11.45
CA THR A 657 3.79 -1.52 -11.02
C THR A 657 2.67 -0.51 -11.22
N LEU A 658 2.04 -0.52 -12.39
CA LEU A 658 0.94 0.41 -12.66
C LEU A 658 -0.24 0.14 -11.72
N ASP A 659 -0.66 -1.12 -11.63
CA ASP A 659 -1.75 -1.47 -10.72
C ASP A 659 -1.40 -1.10 -9.29
N LEU A 660 -0.12 -1.25 -8.90
CA LEU A 660 0.30 -0.79 -7.58
C LEU A 660 0.08 0.71 -7.43
N LEU A 661 0.45 1.49 -8.45
CA LEU A 661 0.22 2.93 -8.40
C LEU A 661 -1.26 3.24 -8.22
N LYS A 662 -2.12 2.64 -9.07
CA LYS A 662 -3.55 2.89 -8.97
C LYS A 662 -4.07 2.55 -7.57
N ASP A 663 -3.70 1.38 -7.06
CA ASP A 663 -4.22 0.95 -5.76
C ASP A 663 -3.76 1.88 -4.64
N VAL A 664 -2.48 2.25 -4.63
CA VAL A 664 -1.98 3.16 -3.61
C VAL A 664 -2.69 4.51 -3.71
N ILE A 665 -2.95 4.97 -4.93
CA ILE A 665 -3.71 6.20 -5.12
C ILE A 665 -5.09 6.07 -4.49
N ARG A 666 -5.75 4.93 -4.73
CA ARG A 666 -7.10 4.74 -4.19
C ARG A 666 -7.10 4.65 -2.67
N LYS A 667 -6.04 4.09 -2.09
CA LYS A 667 -5.97 3.96 -0.63
C LYS A 667 -5.90 5.34 0.02
N ALA A 668 -5.18 6.27 -0.59
CA ALA A 668 -5.10 7.64 -0.08
C ALA A 668 -5.82 8.59 -1.02
N ARG A 669 -7.08 8.27 -1.33
CA ARG A 669 -7.86 9.08 -2.27
C ARG A 669 -7.95 10.52 -1.80
N ASN A 670 -8.33 10.72 -0.53
CA ASN A 670 -8.49 12.05 0.04
C ASN A 670 -7.57 12.25 1.24
N GLU A 671 -6.37 11.70 1.16
CA GLU A 671 -5.38 11.81 2.23
C GLU A 671 -4.05 12.34 1.74
N THR A 672 -3.56 11.85 0.60
CA THR A 672 -2.32 12.34 0.01
C THR A 672 -2.55 12.53 -1.48
N SER A 673 -2.22 13.72 -1.98
CA SER A 673 -2.48 14.04 -3.38
C SER A 673 -1.84 13.01 -4.30
N GLU A 674 -2.56 12.65 -5.36
CA GLU A 674 -2.05 11.64 -6.29
C GLU A 674 -0.81 12.13 -7.04
N PHE A 675 -0.65 13.45 -7.18
CA PHE A 675 0.53 13.97 -7.86
C PHE A 675 1.80 13.61 -7.11
N LEU A 676 1.80 13.77 -5.77
CA LEU A 676 2.97 13.43 -4.98
C LEU A 676 3.31 11.95 -5.07
N ILE A 677 2.30 11.09 -5.27
CA ILE A 677 2.56 9.67 -5.43
C ILE A 677 3.14 9.38 -6.80
N ILE A 678 2.50 9.91 -7.85
CA ILE A 678 2.97 9.67 -9.22
C ILE A 678 4.41 10.15 -9.38
N GLU A 679 4.74 11.29 -8.76
CA GLU A 679 6.09 11.84 -8.89
C GLU A 679 7.13 10.80 -8.49
N LYS A 680 6.95 10.17 -7.33
CA LYS A 680 7.93 9.21 -6.85
C LYS A 680 7.75 7.82 -7.46
N PHE A 681 6.60 7.55 -8.07
CA PHE A 681 6.44 6.35 -8.87
C PHE A 681 7.07 6.47 -10.24
N LEU A 682 7.41 7.69 -10.67
CA LEU A 682 8.14 7.89 -11.92
C LEU A 682 9.63 7.64 -11.78
N GLU A 683 10.14 7.50 -10.55
CA GLU A 683 11.53 7.09 -10.34
C GLU A 683 11.76 5.62 -10.66
N LEU A 684 10.74 4.93 -11.17
CA LEU A 684 10.83 3.52 -11.50
C LEU A 684 11.08 3.28 -12.99
N ASP A 685 10.84 4.27 -13.84
CA ASP A 685 11.09 4.19 -15.28
C ASP A 685 10.29 3.08 -15.96
N ASP A 686 9.19 2.64 -15.34
CA ASP A 686 8.28 1.71 -16.02
C ASP A 686 7.47 2.48 -17.04
N LYS A 687 7.44 1.97 -18.28
CA LYS A 687 6.84 2.71 -19.37
C LYS A 687 5.32 2.83 -19.20
N LYS A 688 4.68 1.84 -18.56
CA LYS A 688 3.23 1.87 -18.42
C LYS A 688 2.80 2.92 -17.40
N THR A 689 3.57 3.08 -16.32
CA THR A 689 3.27 4.15 -15.37
C THR A 689 3.52 5.51 -15.98
N GLU A 690 4.49 5.61 -16.90
CA GLU A 690 4.71 6.86 -17.62
C GLU A 690 3.54 7.17 -18.54
N VAL A 691 3.06 6.17 -19.28
CA VAL A 691 1.87 6.36 -20.11
C VAL A 691 0.70 6.80 -19.25
N TYR A 692 0.51 6.16 -18.09
CA TYR A 692 -0.57 6.54 -17.21
C TYR A 692 -0.40 7.96 -16.70
N ALA A 693 0.84 8.40 -16.48
CA ALA A 693 1.08 9.75 -15.99
C ALA A 693 0.76 10.78 -17.07
N GLN A 694 1.26 10.56 -18.29
CA GLN A 694 0.95 11.48 -19.38
C GLN A 694 -0.55 11.55 -19.63
N ASN A 695 -1.20 10.38 -19.73
CA ASN A 695 -2.64 10.36 -19.95
C ASN A 695 -3.40 11.03 -18.82
N TRP A 696 -2.90 10.91 -17.59
CA TRP A 696 -3.58 11.52 -16.45
C TRP A 696 -3.44 13.04 -16.47
N VAL A 697 -2.20 13.53 -16.57
CA VAL A 697 -1.98 14.98 -16.54
C VAL A 697 -2.61 15.63 -17.76
N GLY A 698 -2.57 14.97 -18.91
CA GLY A 698 -3.04 15.54 -20.15
C GLY A 698 -4.54 15.52 -20.35
N SER A 699 -5.31 15.15 -19.34
CA SER A 699 -6.76 15.06 -19.49
C SER A 699 -7.51 15.42 -18.22
N THR A 700 -6.89 15.18 -17.06
CA THR A 700 -7.58 15.44 -15.80
C THR A 700 -7.86 16.93 -15.63
N LEU A 701 -8.80 17.23 -14.74
CA LEU A 701 -9.10 18.61 -14.39
C LEU A 701 -8.06 19.11 -13.40
N LEU A 702 -7.49 20.27 -13.68
CA LEU A 702 -6.44 20.85 -12.84
C LEU A 702 -7.04 21.98 -12.01
N PRO A 703 -7.20 21.81 -10.69
CA PRO A 703 -7.89 22.83 -9.89
C PRO A 703 -7.01 24.04 -9.65
N PRO A 704 -7.53 25.26 -9.80
CA PRO A 704 -6.72 26.44 -9.47
C PRO A 704 -6.40 26.58 -7.99
N ASN A 705 -7.15 25.93 -7.10
CA ASN A 705 -6.91 26.01 -5.67
C ASN A 705 -5.77 25.11 -5.21
N ILE A 706 -4.95 24.62 -6.13
CA ILE A 706 -3.88 23.69 -5.78
C ILE A 706 -2.84 24.38 -4.92
N SER A 707 -2.31 23.65 -3.94
CA SER A 707 -1.25 24.16 -3.10
C SER A 707 0.10 23.99 -3.80
N PHE A 708 1.09 24.76 -3.33
CA PHE A 708 2.38 24.81 -4.04
C PHE A 708 3.08 23.45 -4.02
N ARG A 709 2.96 22.71 -2.92
CA ARG A 709 3.59 21.39 -2.86
C ARG A 709 3.12 20.52 -4.03
N GLU A 710 1.80 20.44 -4.20
CA GLU A 710 1.25 19.63 -5.29
C GLU A 710 1.60 20.22 -6.65
N PHE A 711 1.66 21.55 -6.74
CA PHE A 711 1.96 22.18 -8.03
C PHE A 711 3.39 21.88 -8.47
N GLN A 712 4.36 21.98 -7.56
CA GLN A 712 5.72 21.62 -7.91
C GLN A 712 5.85 20.14 -8.20
N SER A 713 5.09 19.29 -7.49
CA SER A 713 5.07 17.88 -7.86
C SER A 713 4.61 17.70 -9.31
N LEU A 714 3.47 18.28 -9.65
CA LEU A 714 2.96 18.20 -11.02
C LEU A 714 3.98 18.72 -12.02
N ALA A 715 4.64 19.82 -11.70
CA ALA A 715 5.67 20.37 -12.58
C ALA A 715 6.80 19.37 -12.78
N ASN A 716 7.15 18.62 -11.73
CA ASN A 716 8.15 17.57 -11.89
C ASN A 716 7.63 16.44 -12.76
N ILE A 717 6.32 16.19 -12.75
CA ILE A 717 5.75 15.17 -13.62
C ILE A 717 5.85 15.59 -15.08
N VAL A 718 5.36 16.79 -15.40
CA VAL A 718 5.45 17.29 -16.77
C VAL A 718 6.90 17.37 -17.22
N ASN A 719 7.80 17.76 -16.31
CA ASN A 719 9.20 17.85 -16.64
C ASN A 719 9.79 16.48 -16.93
N LYS A 720 9.33 15.45 -16.20
CA LYS A 720 9.87 14.10 -16.39
C LYS A 720 9.38 13.50 -17.70
N VAL A 721 8.11 13.67 -18.04
CA VAL A 721 7.52 13.05 -19.22
C VAL A 721 6.61 14.06 -19.92
N PRO A 722 7.16 15.07 -20.57
CA PRO A 722 6.30 16.06 -21.24
C PRO A 722 5.56 15.45 -22.41
N ASN A 723 4.29 15.86 -22.56
CA ASN A 723 3.44 15.43 -23.64
C ASN A 723 2.63 16.63 -24.13
N GLU A 724 2.19 16.57 -25.38
CA GLU A 724 1.43 17.67 -25.96
C GLU A 724 0.25 18.04 -25.07
N ASN A 725 -0.60 17.06 -24.75
CA ASN A 725 -1.78 17.33 -23.93
C ASN A 725 -1.39 17.75 -22.52
N SER A 726 -0.33 17.16 -21.98
CA SER A 726 0.10 17.54 -20.63
C SER A 726 0.65 18.96 -20.58
N ILE A 727 1.32 19.39 -21.64
CA ILE A 727 1.79 20.77 -21.71
C ILE A 727 0.60 21.72 -21.85
N GLU A 728 -0.34 21.40 -22.75
CA GLU A 728 -1.54 22.21 -22.89
C GLU A 728 -2.25 22.38 -21.55
N ASN A 729 -2.66 21.26 -20.95
CA ASN A 729 -3.41 21.32 -19.70
C ASN A 729 -2.60 22.01 -18.61
N PHE A 730 -1.29 21.72 -18.53
CA PHE A 730 -0.46 22.30 -17.48
C PHE A 730 -0.43 23.83 -17.61
N LEU A 731 -0.19 24.33 -18.82
CA LEU A 731 -0.16 25.78 -19.01
C LEU A 731 -1.52 26.40 -18.73
N ASP A 732 -2.60 25.73 -19.18
CA ASP A 732 -3.93 26.22 -18.85
C ASP A 732 -4.15 26.28 -17.34
N LEU A 733 -3.46 25.44 -16.57
CA LEU A 733 -3.46 25.59 -15.12
C LEU A 733 -2.61 26.78 -14.69
N CYS A 734 -1.46 26.97 -15.34
CA CYS A 734 -0.56 28.05 -14.96
C CYS A 734 -1.23 29.41 -15.14
N LEU A 735 -2.16 29.53 -16.08
CA LEU A 735 -2.86 30.79 -16.27
C LEU A 735 -3.77 31.16 -15.11
N LYS A 736 -4.12 30.19 -14.26
CA LYS A 736 -5.15 30.39 -13.23
C LYS A 736 -4.61 30.16 -11.83
N LEU A 737 -3.30 30.24 -11.63
CA LEU A 737 -2.73 29.97 -10.32
C LEU A 737 -3.00 31.12 -9.36
N SER A 738 -2.66 30.89 -8.09
CA SER A 738 -2.84 31.89 -7.04
C SER A 738 -1.52 32.24 -6.35
N PHE A 739 -0.39 31.99 -7.01
CA PHE A 739 0.90 32.34 -6.46
C PHE A 739 1.85 32.64 -7.61
N PRO A 740 2.94 33.37 -7.37
CA PRO A 740 3.81 33.82 -8.47
C PRO A 740 4.38 32.69 -9.32
N VAL A 741 5.36 31.96 -8.80
CA VAL A 741 5.98 30.84 -9.52
C VAL A 741 6.84 31.32 -10.68
N ASN A 742 8.00 30.70 -10.84
CA ASN A 742 8.82 30.83 -12.05
C ASN A 742 8.93 29.44 -12.65
N LEU A 743 8.28 29.23 -13.79
CA LEU A 743 8.18 27.89 -14.38
C LEU A 743 9.56 27.29 -14.64
N PHE A 744 10.53 28.11 -15.00
CA PHE A 744 11.80 27.61 -15.49
C PHE A 744 12.74 27.16 -14.38
N THR A 745 12.41 27.42 -13.12
CA THR A 745 13.09 26.76 -12.00
C THR A 745 12.57 25.35 -11.77
N LEU A 746 11.57 24.91 -12.54
CA LEU A 746 10.94 23.62 -12.31
C LEU A 746 10.85 22.79 -13.58
N LEU A 747 10.79 23.45 -14.74
CA LEU A 747 10.58 22.73 -15.99
C LEU A 747 11.87 22.38 -16.71
N HIS A 748 12.87 23.25 -16.69
CA HIS A 748 14.13 23.00 -17.39
C HIS A 748 13.87 22.60 -18.84
N VAL A 749 13.10 23.44 -19.54
CA VAL A 749 12.59 23.08 -20.85
C VAL A 749 13.71 22.84 -21.85
N SER A 750 14.90 23.38 -21.61
CA SER A 750 16.01 23.20 -22.55
C SER A 750 16.50 21.76 -22.62
N TRP A 752 14.14 19.05 -22.99
CA TRP A 752 13.11 18.24 -23.61
C TRP A 752 13.47 17.90 -25.06
N SER A 753 12.69 16.99 -25.64
CA SER A 753 12.83 16.70 -27.05
C SER A 753 12.46 17.92 -27.87
N ASN A 754 13.00 18.01 -29.08
CA ASN A 754 12.76 19.17 -29.92
C ASN A 754 11.27 19.41 -30.14
N ASN A 755 10.49 18.33 -30.29
CA ASN A 755 9.06 18.46 -30.50
C ASN A 755 8.38 19.09 -29.29
N ASN A 756 8.57 18.48 -28.11
CA ASN A 756 7.97 19.03 -26.89
C ASN A 756 8.44 20.45 -26.64
N PHE A 757 9.68 20.78 -27.00
CA PHE A 757 10.16 22.15 -26.89
C PHE A 757 9.34 23.07 -27.78
N ILE A 758 9.20 22.70 -29.06
CA ILE A 758 8.43 23.50 -30.01
C ILE A 758 7.03 23.74 -29.48
N TYR A 759 6.34 22.67 -29.07
CA TYR A 759 4.97 22.83 -28.62
C TYR A 759 4.88 23.65 -27.34
N PHE A 760 5.86 23.52 -26.44
CA PHE A 760 5.89 24.37 -25.26
C PHE A 760 6.01 25.85 -25.64
N ILE A 761 6.86 26.15 -26.62
CA ILE A 761 7.00 27.53 -27.06
C ILE A 761 5.68 28.03 -27.65
N GLN A 762 5.11 27.27 -28.58
CA GLN A 762 3.88 27.68 -29.25
C GLN A 762 2.76 27.92 -28.24
N SER A 763 2.51 26.94 -27.37
CA SER A 763 1.42 27.06 -26.41
C SER A 763 1.68 28.18 -25.42
N TYR A 764 2.89 28.25 -24.86
CA TYR A 764 3.20 29.26 -23.86
C TYR A 764 3.09 30.67 -24.44
N VAL A 765 3.54 30.86 -25.68
CA VAL A 765 3.41 32.16 -26.32
C VAL A 765 1.93 32.48 -26.57
N SER A 766 1.24 31.61 -27.33
CA SER A 766 -0.13 31.89 -27.71
C SER A 766 -1.03 32.13 -26.51
N LYS A 767 -0.77 31.44 -25.39
CA LYS A 767 -1.65 31.50 -24.24
C LYS A 767 -1.24 32.57 -23.23
N ASN A 768 0.04 32.57 -22.83
CA ASN A 768 0.45 33.38 -21.69
C ASN A 768 0.47 34.86 -22.03
N GLU A 769 1.09 35.22 -23.16
CA GLU A 769 1.24 36.62 -23.52
C GLU A 769 1.00 36.94 -24.98
N ASN A 770 1.07 35.97 -25.89
CA ASN A 770 1.11 36.25 -27.33
C ASN A 770 2.28 37.17 -27.66
N LYS A 771 3.34 37.09 -26.85
CA LYS A 771 4.50 37.95 -26.95
C LYS A 771 5.63 37.32 -26.13
N LEU A 772 6.86 37.58 -26.54
CA LEU A 772 8.02 37.02 -25.85
C LEU A 772 8.39 37.88 -24.66
N ASN A 773 8.67 37.23 -23.53
CA ASN A 773 9.13 37.89 -22.33
C ASN A 773 10.59 37.52 -22.06
N VAL A 774 11.06 37.79 -20.83
CA VAL A 774 12.47 37.58 -20.51
C VAL A 774 12.83 36.11 -20.62
N ASP A 775 12.12 35.25 -19.88
CA ASP A 775 12.49 33.85 -19.82
C ASP A 775 12.50 33.21 -21.20
N LEU A 776 11.50 33.53 -22.02
CA LEU A 776 11.47 32.98 -23.38
C LEU A 776 12.67 33.44 -24.19
N ILE A 777 13.01 34.73 -24.10
CA ILE A 777 14.19 35.23 -24.80
C ILE A 777 15.44 34.45 -24.37
N THR A 778 15.66 34.35 -23.06
CA THR A 778 16.86 33.67 -22.56
C THR A 778 16.88 32.22 -23.02
N LEU A 779 15.73 31.54 -23.01
CA LEU A 779 15.68 30.15 -23.42
C LEU A 779 16.00 30.01 -24.91
N LEU A 780 15.36 30.82 -25.75
CA LEU A 780 15.55 30.70 -27.19
C LEU A 780 16.97 31.05 -27.60
N LYS A 781 17.54 32.11 -27.02
CA LYS A 781 18.87 32.56 -27.40
C LYS A 781 19.96 31.55 -27.10
N THR A 782 19.66 30.50 -26.34
CA THR A 782 20.63 29.46 -26.02
C THR A 782 20.28 28.10 -26.57
N SER A 783 18.99 27.78 -26.71
CA SER A 783 18.58 26.47 -27.19
C SER A 783 18.53 26.37 -28.71
N LEU A 784 18.42 27.50 -29.41
CA LEU A 784 18.23 27.48 -30.86
C LEU A 784 19.54 27.55 -31.63
N PRO A 785 20.44 28.48 -31.30
CA PRO A 785 21.70 28.59 -32.07
C PRO A 785 22.46 27.28 -32.20
N GLY A 786 22.33 26.37 -31.24
CA GLY A 786 23.06 25.12 -31.23
C GLY A 786 22.31 23.92 -31.76
N ASN A 787 21.15 24.12 -32.38
CA ASN A 787 20.35 23.00 -32.88
C ASN A 787 19.72 23.37 -34.22
N PRO A 788 20.15 22.75 -35.33
CA PRO A 788 19.53 23.10 -36.62
C PRO A 788 18.14 22.53 -36.78
N GLU A 789 17.88 21.33 -36.27
CA GLU A 789 16.55 20.74 -36.38
C GLU A 789 15.53 21.58 -35.62
N LEU A 790 15.81 21.87 -34.34
CA LEU A 790 14.92 22.71 -33.55
C LEU A 790 14.72 24.06 -34.23
N PHE A 791 15.78 24.60 -34.84
CA PHE A 791 15.67 25.89 -35.53
C PHE A 791 14.72 25.80 -36.71
N SER A 792 14.85 24.76 -37.52
CA SER A 792 13.93 24.57 -38.64
C SER A 792 12.50 24.34 -38.14
N GLY A 793 12.36 23.78 -36.95
CA GLY A 793 11.03 23.55 -36.42
C GLY A 793 10.35 24.82 -35.96
N LEU A 794 11.08 25.66 -35.22
CA LEU A 794 10.51 26.92 -34.74
C LEU A 794 10.54 28.02 -35.79
N LEU A 795 11.22 27.81 -36.92
CA LEU A 795 11.37 28.89 -37.89
C LEU A 795 10.04 29.38 -38.45
N PRO A 796 9.11 28.50 -38.86
CA PRO A 796 7.81 29.02 -39.33
C PRO A 796 7.08 29.84 -38.26
N PHE A 797 7.03 29.33 -37.04
CA PHE A 797 6.32 30.03 -35.97
C PHE A 797 6.90 31.42 -35.74
N LEU A 798 8.21 31.49 -35.51
CA LEU A 798 8.85 32.79 -35.26
C LEU A 798 8.72 33.71 -36.46
N ARG A 799 8.87 33.17 -37.67
CA ARG A 799 8.70 33.98 -38.88
C ARG A 799 7.32 34.60 -38.92
N ARG A 800 6.28 33.85 -38.55
CA ARG A 800 4.92 34.38 -38.55
C ARG A 800 4.75 35.43 -37.47
N ASN A 801 5.31 35.21 -36.28
CA ASN A 801 5.15 36.11 -35.14
C ASN A 801 6.25 37.17 -35.07
N LYS A 802 6.82 37.56 -36.21
CA LYS A 802 7.92 38.53 -36.20
C LYS A 802 9.07 38.02 -35.36
N PHE A 803 9.27 38.62 -34.18
CA PHE A 803 10.33 38.20 -33.26
C PHE A 803 11.66 38.04 -33.98
N ASP A 805 14.33 39.84 -33.54
CA ASP A 805 15.46 39.98 -32.62
C ASP A 805 16.01 38.62 -32.20
N ILE A 806 15.25 37.56 -32.42
CA ILE A 806 15.71 36.20 -32.13
C ILE A 806 16.36 35.57 -33.35
N LEU A 807 15.68 35.62 -34.49
CA LEU A 807 16.19 34.97 -35.70
C LEU A 807 17.51 35.62 -36.15
N GLU A 808 17.55 36.94 -36.21
CA GLU A 808 18.78 37.62 -36.60
C GLU A 808 19.92 37.28 -35.64
N TYR A 809 19.60 37.11 -34.36
CA TYR A 809 20.62 36.69 -33.41
C TYR A 809 21.10 35.27 -33.70
N CYS A 810 20.17 34.38 -34.06
CA CYS A 810 20.54 33.01 -34.39
C CYS A 810 21.47 32.96 -35.59
N ILE A 811 21.12 33.67 -36.67
CA ILE A 811 21.98 33.69 -37.84
C ILE A 811 23.30 34.36 -37.51
N HIS A 812 23.30 35.37 -36.64
CA HIS A 812 24.53 36.04 -36.27
C HIS A 812 25.47 35.12 -35.51
N SER A 813 24.92 34.30 -34.61
CA SER A 813 25.73 33.41 -33.80
C SER A 813 26.00 32.06 -34.46
N ASN A 814 25.26 31.72 -35.51
CA ASN A 814 25.51 30.49 -36.25
C ASN A 814 24.97 30.63 -37.67
N PRO A 815 25.81 30.99 -38.64
CA PRO A 815 25.29 31.19 -40.00
C PRO A 815 24.79 29.91 -40.65
N ASN A 816 25.38 28.76 -40.34
CA ASN A 816 24.99 27.51 -40.97
C ASN A 816 23.52 27.18 -40.81
N LEU A 817 22.80 27.90 -39.95
CA LEU A 817 21.36 27.69 -39.84
C LEU A 817 20.65 27.97 -41.15
N LEU A 818 21.19 28.88 -41.97
CA LEU A 818 20.54 29.20 -43.24
C LEU A 818 20.63 28.04 -44.21
N ASN A 819 21.66 27.19 -44.09
CA ASN A 819 21.75 26.03 -44.96
C ASN A 819 20.73 24.97 -44.57
N SER A 820 20.34 24.92 -43.30
CA SER A 820 19.43 23.91 -42.79
C SER A 820 17.97 24.31 -42.92
N ILE A 821 17.67 25.48 -43.48
CA ILE A 821 16.28 25.89 -43.71
C ILE A 821 15.73 25.04 -44.84
N PRO A 822 14.71 24.21 -44.62
CA PRO A 822 14.19 23.38 -45.71
C PRO A 822 13.71 24.19 -46.90
N ASP A 823 12.59 24.91 -46.72
CA ASP A 823 12.04 25.77 -47.77
C ASP A 823 12.55 27.18 -47.51
N LEU A 824 13.74 27.48 -48.03
CA LEU A 824 14.37 28.78 -47.83
C LEU A 824 13.91 29.71 -48.94
N ASN A 825 12.89 30.51 -48.65
CA ASN A 825 12.41 31.50 -49.62
C ASN A 825 13.44 32.61 -49.77
N SER A 826 13.73 32.97 -51.02
CA SER A 826 14.70 34.03 -51.27
C SER A 826 14.22 35.36 -50.69
N ASP A 827 12.90 35.55 -50.58
CA ASP A 827 12.38 36.73 -49.90
C ASP A 827 12.78 36.73 -48.44
N LEU A 828 12.59 35.59 -47.75
CA LEU A 828 12.98 35.48 -46.36
C LEU A 828 14.47 35.72 -46.17
N LEU A 829 15.29 35.25 -47.12
CA LEU A 829 16.73 35.45 -47.03
C LEU A 829 17.10 36.91 -47.24
N LEU A 830 16.47 37.56 -48.23
CA LEU A 830 16.72 38.99 -48.44
C LEU A 830 16.28 39.81 -47.24
N LYS A 831 15.25 39.38 -46.53
CA LYS A 831 14.82 40.07 -45.32
C LYS A 831 15.68 39.70 -44.13
N LEU A 832 16.15 38.45 -44.06
CA LEU A 832 17.08 38.01 -43.01
C LEU A 832 18.52 38.25 -43.49
N LEU A 833 18.88 39.53 -43.52
CA LEU A 833 20.24 39.89 -43.88
C LEU A 833 21.23 39.17 -42.94
N PRO A 834 22.42 38.80 -43.43
CA PRO A 834 23.27 37.91 -42.62
C PRO A 834 23.58 38.39 -41.21
N ARG A 835 24.10 39.61 -41.01
CA ARG A 835 24.53 40.56 -42.05
C ARG A 835 25.87 41.18 -41.67
N SER A 836 26.24 41.06 -40.40
CA SER A 836 27.45 41.72 -39.90
C SER A 836 28.72 40.99 -40.33
N ARG A 837 28.66 39.68 -40.50
CA ARG A 837 29.84 38.90 -40.87
C ARG A 837 29.62 38.18 -42.19
N ALA A 838 29.37 38.94 -43.26
CA ALA A 838 29.23 38.37 -44.58
C ALA A 838 30.54 37.79 -45.12
N SER A 839 31.66 38.02 -44.43
CA SER A 839 32.92 37.43 -44.86
C SER A 839 32.83 35.91 -44.85
N TYR A 840 32.24 35.33 -43.80
CA TYR A 840 32.03 33.89 -43.76
C TYR A 840 31.21 33.42 -44.95
N PHE A 841 30.15 34.16 -45.29
CA PHE A 841 29.33 33.78 -46.44
C PHE A 841 30.14 33.84 -47.73
N ALA A 842 31.01 34.84 -47.85
CA ALA A 842 31.85 34.94 -49.05
C ALA A 842 32.82 33.77 -49.13
N ALA A 843 33.37 33.34 -47.99
CA ALA A 843 34.32 32.24 -48.00
C ALA A 843 33.63 30.90 -48.24
N ASN A 844 32.42 30.74 -47.70
CA ASN A 844 31.71 29.47 -47.73
C ASN A 844 30.46 29.52 -48.61
N ILE A 845 30.45 30.40 -49.62
CA ILE A 845 29.33 30.45 -50.55
C ILE A 845 29.18 29.15 -51.33
N LYS A 846 30.20 28.28 -51.29
CA LYS A 846 30.15 27.02 -52.02
C LYS A 846 29.02 26.12 -51.52
N LEU A 847 28.64 26.25 -50.25
CA LEU A 847 27.65 25.37 -49.65
C LEU A 847 26.30 26.09 -49.56
N PHE A 848 25.68 26.28 -50.73
CA PHE A 848 24.39 26.95 -50.77
C PHE A 848 23.65 26.54 -52.04
N LYS A 849 22.60 27.27 -52.37
CA LYS A 849 21.73 26.98 -53.50
C LYS A 849 21.88 28.07 -54.56
N CYS A 850 21.31 27.81 -55.73
CA CYS A 850 21.49 28.68 -56.89
C CYS A 850 20.90 30.07 -56.67
N SER A 851 19.57 30.19 -56.75
CA SER A 851 18.93 31.49 -56.59
C SER A 851 19.32 32.14 -55.27
N GLU A 852 19.57 31.33 -54.24
CA GLU A 852 19.99 31.88 -52.95
C GLU A 852 21.38 32.51 -53.05
N GLN A 853 22.25 31.96 -53.89
CA GLN A 853 23.54 32.60 -54.15
C GLN A 853 23.34 33.88 -54.96
N LEU A 854 22.49 33.82 -55.99
CA LEU A 854 22.22 35.00 -56.81
C LEU A 854 21.76 36.17 -55.95
N THR A 855 20.80 35.92 -55.04
CA THR A 855 20.34 36.96 -54.14
C THR A 855 21.31 37.23 -53.00
N LEU A 856 22.22 36.28 -52.72
CA LEU A 856 23.18 36.48 -51.65
C LEU A 856 24.25 37.48 -52.05
N VAL A 857 24.84 37.32 -53.24
CA VAL A 857 25.87 38.24 -53.70
C VAL A 857 25.36 39.67 -53.73
N ARG A 858 24.05 39.86 -53.87
CA ARG A 858 23.49 41.21 -53.90
C ARG A 858 23.68 41.93 -52.57
N TRP A 859 23.78 41.19 -51.46
CA TRP A 859 24.08 41.83 -50.18
C TRP A 859 25.53 42.31 -50.14
N LEU A 860 26.46 41.50 -50.66
CA LEU A 860 27.85 41.92 -50.72
C LEU A 860 28.01 43.14 -51.61
N LEU A 861 27.37 43.13 -52.77
CA LEU A 861 27.44 44.27 -53.68
C LEU A 861 26.82 45.51 -53.03
N LYS A 862 25.53 45.43 -52.69
CA LYS A 862 24.84 46.55 -52.08
C LYS A 862 25.41 46.93 -50.72
N GLY A 863 26.27 46.09 -50.14
CA GLY A 863 26.97 46.42 -48.92
C GLY A 863 28.38 46.92 -49.12
N GLN A 864 28.86 46.97 -50.36
CA GLN A 864 30.20 47.46 -50.67
C GLN A 864 31.29 46.60 -50.02
N GLN A 865 30.98 45.32 -49.80
CA GLN A 865 31.95 44.38 -49.22
C GLN A 865 32.87 43.89 -50.35
N LEU A 866 33.65 44.83 -50.87
CA LEU A 866 34.47 44.53 -52.05
C LEU A 866 35.59 43.56 -51.72
N GLU A 867 36.23 43.73 -50.56
CA GLU A 867 37.32 42.83 -50.19
C GLU A 867 36.83 41.39 -50.08
N GLN A 868 35.64 41.19 -49.52
CA GLN A 868 35.08 39.85 -49.42
C GLN A 868 34.84 39.25 -50.80
N LEU A 869 34.44 40.09 -51.76
CA LEU A 869 34.33 39.62 -53.14
C LEU A 869 35.70 39.30 -53.73
N ASN A 870 36.75 39.96 -53.23
CA ASN A 870 38.09 39.75 -53.76
C ASN A 870 38.69 38.44 -53.26
N GLN A 871 38.89 38.33 -51.94
CA GLN A 871 39.62 37.18 -51.39
C GLN A 871 38.96 35.84 -51.72
N ASN A 872 37.68 35.84 -52.07
CA ASN A 872 36.94 34.62 -52.38
C ASN A 872 36.38 34.68 -53.80
N PHE A 873 37.18 35.16 -54.75
CA PHE A 873 36.69 35.33 -56.11
C PHE A 873 36.56 33.99 -56.83
N SER A 874 37.45 33.04 -56.55
CA SER A 874 37.40 31.75 -57.23
C SER A 874 36.03 31.08 -57.08
N GLU A 875 35.44 31.18 -55.89
CA GLU A 875 34.11 30.61 -55.68
C GLU A 875 33.04 31.39 -56.45
N ILE A 876 33.22 32.71 -56.59
CA ILE A 876 32.27 33.50 -57.36
C ILE A 876 32.27 33.08 -58.82
N GLU A 877 33.45 33.05 -59.44
CA GLU A 877 33.55 32.58 -60.81
C GLU A 877 33.07 31.14 -60.94
N ASN A 878 33.27 30.34 -59.90
CA ASN A 878 32.76 28.97 -59.92
C ASN A 878 31.23 28.96 -59.91
N VAL A 879 30.61 29.94 -59.26
CA VAL A 879 29.14 30.02 -59.25
C VAL A 879 28.63 30.47 -60.61
N LEU A 880 29.09 31.63 -61.07
CA LEU A 880 28.63 32.15 -62.36
C LEU A 880 28.99 31.21 -63.51
N GLN A 881 29.97 30.33 -63.31
CA GLN A 881 30.38 29.42 -64.38
C GLN A 881 29.22 28.51 -64.79
N ASN A 882 28.61 27.83 -63.83
CA ASN A 882 27.64 26.77 -64.09
C ASN A 882 26.23 27.31 -64.30
N ALA A 883 26.07 28.58 -64.65
CA ALA A 883 24.75 29.16 -64.85
C ALA A 883 23.92 29.03 -63.58
N SER A 884 22.66 29.42 -63.65
CA SER A 884 21.80 29.41 -62.46
C SER A 884 20.34 29.42 -62.92
N ASP A 885 19.44 29.50 -61.94
CA ASP A 885 18.01 29.49 -62.24
C ASP A 885 17.64 30.67 -63.12
N SER A 886 17.96 31.88 -62.69
CA SER A 886 17.70 33.09 -63.47
C SER A 886 18.99 33.60 -64.06
N GLU A 887 18.95 33.96 -65.34
CA GLU A 887 20.09 34.58 -66.01
C GLU A 887 20.01 36.10 -66.04
N LEU A 888 18.81 36.67 -65.92
CA LEU A 888 18.69 38.12 -65.78
C LEU A 888 19.36 38.58 -64.49
N GLU A 889 19.18 37.82 -63.40
CA GLU A 889 19.92 38.07 -62.18
C GLU A 889 21.42 38.17 -62.46
N LYS A 890 21.95 37.17 -63.18
CA LYS A 890 23.36 37.24 -63.57
C LYS A 890 23.65 38.50 -64.37
N SER A 891 22.70 38.94 -65.18
CA SER A 891 22.91 40.15 -65.99
C SER A 891 23.12 41.37 -65.09
N GLU A 892 22.17 41.62 -64.18
CA GLU A 892 22.30 42.77 -63.29
C GLU A 892 23.55 42.66 -62.42
N ILE A 893 23.72 41.50 -61.77
CA ILE A 893 24.91 41.27 -60.95
C ILE A 893 26.17 41.65 -61.73
N ILE A 894 26.26 41.20 -62.98
CA ILE A 894 27.44 41.46 -63.78
C ILE A 894 27.57 42.94 -64.09
N ARG A 895 26.45 43.62 -64.35
CA ARG A 895 26.50 45.06 -64.60
C ARG A 895 27.14 45.78 -63.43
N GLU A 896 26.62 45.54 -62.22
CA GLU A 896 27.18 46.18 -61.04
C GLU A 896 28.64 45.77 -60.83
N LEU A 897 28.96 44.51 -61.10
CA LEU A 897 30.34 44.04 -60.95
C LEU A 897 31.28 44.79 -61.88
N LEU A 898 30.83 45.11 -63.09
CA LEU A 898 31.67 45.84 -64.03
C LEU A 898 31.79 47.31 -63.60
N HIS A 899 30.70 47.88 -63.09
CA HIS A 899 30.82 49.21 -62.49
C HIS A 899 31.91 49.23 -61.42
N LEU A 900 31.94 48.19 -60.57
CA LEU A 900 33.02 48.07 -59.60
C LEU A 900 34.37 47.86 -60.28
N ALA A 901 34.37 47.21 -61.45
CA ALA A 901 35.62 47.00 -62.18
C ALA A 901 36.21 48.31 -62.67
N ALA A 903 35.42 51.28 -61.14
CA ALA A 903 35.67 52.07 -59.93
C ALA A 903 37.04 51.74 -59.34
N ASN A 904 37.29 50.47 -59.05
CA ASN A 904 38.55 50.03 -58.45
C ASN A 904 39.04 48.78 -59.19
N PRO A 905 40.17 48.85 -59.91
CA PRO A 905 40.66 47.66 -60.62
C PRO A 905 41.15 46.56 -59.70
N ILE A 906 42.03 46.91 -58.77
CA ILE A 906 42.59 45.94 -57.82
C ILE A 906 43.15 44.75 -58.59
N GLU A 907 42.37 43.66 -58.66
CA GLU A 907 42.76 42.48 -59.40
C GLU A 907 41.64 41.44 -59.62
N PRO A 908 40.74 41.16 -58.66
CA PRO A 908 39.83 40.03 -58.87
C PRO A 908 38.80 40.28 -59.96
N LEU A 909 38.16 41.46 -59.90
CA LEU A 909 37.12 41.79 -60.87
C LEU A 909 37.65 41.86 -62.30
N PHE A 910 38.97 42.01 -62.47
CA PHE A 910 39.53 42.01 -63.81
C PHE A 910 39.73 40.59 -64.32
N SER A 911 40.10 39.66 -63.44
CA SER A 911 40.02 38.25 -63.79
C SER A 911 38.58 37.86 -64.08
N GLY A 912 37.62 38.48 -63.40
CA GLY A 912 36.22 38.28 -63.72
C GLY A 912 35.85 38.82 -65.09
N LEU A 913 36.47 39.94 -65.49
CA LEU A 913 36.29 40.43 -66.85
C LEU A 913 36.89 39.45 -67.85
N LEU A 914 38.06 38.90 -67.55
CA LEU A 914 38.63 37.84 -68.37
C LEU A 914 37.63 36.70 -68.54
N ASN A 915 37.03 36.25 -67.44
CA ASN A 915 36.03 35.19 -67.52
C ASN A 915 34.82 35.61 -68.33
N PHE A 916 34.45 36.90 -68.27
CA PHE A 916 33.39 37.38 -69.15
C PHE A 916 33.78 37.23 -70.61
N CYS A 917 35.04 37.51 -70.94
CA CYS A 917 35.52 37.28 -72.30
C CYS A 917 35.49 35.80 -72.66
N ILE A 918 35.71 34.93 -71.68
CA ILE A 918 35.67 33.50 -71.94
C ILE A 918 34.29 33.07 -72.41
N LYS A 919 33.24 33.72 -71.90
CA LYS A 919 31.87 33.38 -72.26
C LYS A 919 31.40 34.28 -73.40
N ASN A 920 30.70 33.68 -74.37
CA ASN A 920 30.26 34.42 -75.55
C ASN A 920 29.02 35.25 -75.27
N ASN A 921 28.06 34.70 -74.52
CA ASN A 921 26.83 35.40 -74.23
C ASN A 921 27.06 36.75 -73.55
N ALA A 923 28.66 39.15 -74.69
CA ALA A 923 29.01 40.11 -75.72
C ALA A 923 28.43 41.49 -75.44
N ASP A 924 27.16 41.55 -75.01
CA ASP A 924 26.53 42.85 -74.80
C ASP A 924 27.26 43.63 -73.71
N HIS A 925 27.41 43.05 -72.53
CA HIS A 925 28.12 43.72 -71.45
C HIS A 925 29.58 43.97 -71.82
N LEU A 926 30.16 43.11 -72.65
CA LEU A 926 31.55 43.30 -73.05
C LEU A 926 31.70 44.53 -73.94
N ASP A 927 30.84 44.67 -74.96
CA ASP A 927 30.83 45.88 -75.77
C ASP A 927 30.56 47.10 -74.91
N GLU A 928 29.61 47.00 -73.97
CA GLU A 928 29.39 48.07 -73.02
C GLU A 928 30.70 48.50 -72.37
N PHE A 929 31.47 47.53 -71.87
CA PHE A 929 32.75 47.86 -71.25
C PHE A 929 33.71 48.47 -72.26
N CYS A 930 33.67 47.99 -73.51
CA CYS A 930 34.51 48.53 -74.57
C CYS A 930 34.10 49.93 -74.99
N GLY A 931 32.96 50.42 -74.53
CA GLY A 931 32.54 51.78 -74.83
C GLY A 931 32.70 52.71 -73.66
N ASN A 932 33.01 52.17 -72.49
CA ASN A 932 33.14 52.95 -71.26
C ASN A 932 34.55 52.72 -70.69
N THR A 934 38.30 54.78 -69.07
CA THR A 934 38.79 55.94 -68.33
C THR A 934 40.29 56.04 -68.52
N SER A 935 40.80 57.28 -68.53
CA SER A 935 42.22 57.53 -68.74
C SER A 935 43.10 56.99 -67.62
N GLU A 936 42.51 56.39 -66.58
CA GLU A 936 43.26 55.72 -65.52
C GLU A 936 43.26 54.21 -65.67
N VAL A 937 42.15 53.64 -66.16
CA VAL A 937 42.03 52.19 -66.29
C VAL A 937 42.76 51.66 -67.51
N LEU A 938 43.02 52.51 -68.51
CA LEU A 938 43.52 52.01 -69.79
C LEU A 938 44.85 51.28 -69.66
N PHE A 939 45.70 51.67 -68.70
CA PHE A 939 47.00 51.03 -68.52
C PHE A 939 47.05 50.11 -67.31
N LYS A 940 45.95 50.01 -66.55
CA LYS A 940 45.78 48.86 -65.66
C LYS A 940 45.39 47.62 -66.44
N ILE A 941 44.92 47.78 -67.68
CA ILE A 941 44.59 46.64 -68.52
C ILE A 941 45.87 45.93 -68.95
N SER A 942 45.83 44.59 -68.95
CA SER A 942 47.00 43.82 -69.32
C SER A 942 46.95 43.46 -70.81
N PRO A 943 48.11 43.36 -71.47
CA PRO A 943 48.08 43.01 -72.91
C PRO A 943 47.72 41.56 -73.16
N GLU A 944 48.18 40.64 -72.31
CA GLU A 944 47.97 39.21 -72.57
C GLU A 944 46.50 38.89 -72.78
N LEU A 945 45.60 39.63 -72.13
CA LEU A 945 44.17 39.44 -72.34
C LEU A 945 43.58 40.41 -73.35
N LEU A 946 44.13 41.63 -73.46
CA LEU A 946 43.62 42.57 -74.45
C LEU A 946 43.77 42.02 -75.85
N LEU A 947 44.87 41.33 -76.14
CA LEU A 947 45.08 40.72 -77.44
C LEU A 947 43.96 39.73 -77.74
N LYS A 948 43.84 38.69 -76.90
CA LYS A 948 42.78 37.70 -77.08
C LYS A 948 41.40 38.32 -77.07
N LEU A 949 41.25 39.52 -76.52
CA LEU A 949 39.96 40.20 -76.49
C LEU A 949 39.62 40.81 -77.84
N LEU A 950 40.51 41.66 -78.36
CA LEU A 950 40.24 42.38 -79.59
C LEU A 950 40.66 41.61 -80.84
N THR A 951 41.10 40.36 -80.70
CA THR A 951 41.40 39.53 -81.87
C THR A 951 40.17 38.75 -82.35
N TYR A 952 39.58 37.94 -81.46
CA TYR A 952 38.48 37.07 -81.81
C TYR A 952 37.12 37.77 -81.84
N LYS A 953 37.08 39.10 -82.02
CA LYS A 953 35.85 39.86 -82.02
C LYS A 953 35.82 40.81 -83.22
N GLU A 954 34.65 41.34 -83.51
CA GLU A 954 34.42 42.23 -84.64
C GLU A 954 34.54 43.68 -84.17
N LYS A 955 33.91 44.60 -84.91
CA LYS A 955 33.97 46.03 -84.64
C LYS A 955 33.33 46.39 -83.30
N PRO A 956 32.20 45.78 -82.93
CA PRO A 956 31.64 46.08 -81.59
C PRO A 956 32.69 46.10 -80.49
N ASN A 957 33.49 45.05 -80.36
CA ASN A 957 34.62 45.08 -79.45
C ASN A 957 35.73 45.97 -79.98
N GLY A 958 35.82 46.14 -81.30
CA GLY A 958 36.82 46.97 -81.93
C GLY A 958 36.67 48.45 -81.66
N LYS A 959 35.63 48.88 -80.94
CA LYS A 959 35.49 50.28 -80.57
C LYS A 959 36.37 50.64 -79.38
N LEU A 960 36.84 49.65 -78.62
CA LEU A 960 37.85 49.90 -77.59
C LEU A 960 39.14 50.43 -78.19
N LEU A 961 39.33 50.24 -79.50
CA LEU A 961 40.56 50.66 -80.16
C LEU A 961 40.81 52.15 -80.05
N ALA A 962 39.78 52.94 -79.74
CA ALA A 962 39.92 54.39 -79.63
C ALA A 962 40.99 54.76 -78.61
N ALA A 963 40.73 54.47 -77.33
CA ALA A 963 41.71 54.74 -76.30
C ALA A 963 43.04 54.05 -76.61
N VAL A 964 42.99 52.88 -77.26
CA VAL A 964 44.22 52.18 -77.62
C VAL A 964 45.12 53.09 -78.46
N ILE A 965 44.57 53.65 -79.54
CA ILE A 965 45.35 54.60 -80.34
C ILE A 965 45.71 55.83 -79.52
N GLU A 966 44.77 56.30 -78.68
CA GLU A 966 45.04 57.45 -77.84
C GLU A 966 46.21 57.21 -76.88
N LYS A 967 46.65 55.96 -76.72
CA LYS A 967 47.85 55.65 -75.96
C LYS A 967 49.02 55.16 -76.81
N ILE A 968 48.77 54.73 -78.05
CA ILE A 968 49.87 54.29 -78.91
C ILE A 968 50.79 55.47 -79.22
N GLU A 969 50.20 56.58 -79.69
CA GLU A 969 50.94 57.82 -79.86
C GLU A 969 50.83 58.63 -78.57
N ASN A 970 51.97 59.07 -78.04
CA ASN A 970 52.03 59.75 -76.76
C ASN A 970 51.53 58.84 -75.64
N GLY A 971 52.36 57.86 -75.33
CA GLY A 971 52.04 56.89 -74.30
C GLY A 971 53.29 56.29 -73.71
N ASP A 972 53.17 55.03 -73.30
CA ASP A 972 54.28 54.30 -72.70
C ASP A 972 54.93 53.38 -73.74
N ASP A 973 56.26 53.38 -73.76
CA ASP A 973 56.99 52.61 -74.78
C ASP A 973 56.77 51.10 -74.59
N ASP A 974 57.10 50.59 -73.41
CA ASP A 974 57.19 49.14 -73.22
C ASP A 974 55.83 48.45 -73.21
N TYR A 975 54.75 49.16 -72.89
CA TYR A 975 53.43 48.54 -72.99
C TYR A 975 53.04 48.35 -74.46
N ILE A 976 53.28 49.37 -75.28
CA ILE A 976 53.06 49.25 -76.72
C ILE A 976 53.92 48.13 -77.29
N LEU A 977 55.21 48.12 -76.93
CA LEU A 977 56.09 47.06 -77.40
C LEU A 977 55.60 45.68 -76.94
N GLU A 978 55.02 45.61 -75.74
CA GLU A 978 54.44 44.35 -75.28
C GLU A 978 53.29 43.93 -76.17
N LEU A 979 52.34 44.84 -76.41
CA LEU A 979 51.23 44.51 -77.32
C LEU A 979 51.76 44.00 -78.65
N LEU A 980 52.71 44.73 -79.24
CA LEU A 980 53.24 44.33 -80.54
C LEU A 980 53.89 42.96 -80.48
N GLU A 981 54.60 42.65 -79.39
CA GLU A 981 55.21 41.34 -79.28
C GLU A 981 54.16 40.25 -79.13
N LYS A 982 53.08 40.53 -78.41
CA LYS A 982 52.00 39.56 -78.27
C LYS A 982 51.37 39.25 -79.62
N ILE A 983 50.93 40.30 -80.34
CA ILE A 983 50.34 40.09 -81.65
C ILE A 983 51.34 39.45 -82.62
N ILE A 984 52.63 39.64 -82.39
CA ILE A 984 53.64 39.05 -83.25
C ILE A 984 53.75 37.55 -83.00
N ILE A 985 53.94 37.16 -81.74
CA ILE A 985 54.13 35.75 -81.41
C ILE A 985 52.85 34.96 -81.62
N GLN A 986 51.68 35.62 -81.51
CA GLN A 986 50.42 34.94 -81.78
C GLN A 986 50.08 34.90 -83.26
N LYS A 987 50.72 35.74 -84.07
CA LYS A 987 50.54 35.73 -85.53
C LYS A 987 49.08 36.02 -85.90
N GLU A 988 48.55 37.09 -85.32
CA GLU A 988 47.18 37.53 -85.60
C GLU A 988 47.26 38.46 -86.81
N ILE A 989 47.03 37.89 -87.99
CA ILE A 989 47.24 38.64 -89.23
C ILE A 989 46.13 39.67 -89.44
N GLN A 990 44.91 39.37 -88.99
CA GLN A 990 43.77 40.22 -89.32
C GLN A 990 43.92 41.62 -88.75
N ILE A 991 44.63 41.78 -87.64
CA ILE A 991 44.73 43.07 -86.96
C ILE A 991 45.81 43.97 -87.55
N LEU A 992 46.79 43.40 -88.27
CA LEU A 992 47.96 44.14 -88.72
C LEU A 992 47.66 45.15 -89.82
N GLU A 993 46.42 45.24 -90.31
CA GLU A 993 46.16 46.08 -91.48
C GLU A 993 46.54 47.53 -91.22
N LYS A 994 46.23 48.06 -90.05
CA LYS A 994 46.54 49.44 -89.72
C LYS A 994 47.90 49.49 -89.04
N LEU A 995 48.81 50.30 -89.61
CA LEU A 995 50.16 50.42 -89.07
C LEU A 995 50.70 51.84 -89.16
N LYS A 996 49.94 52.77 -89.73
CA LYS A 996 50.42 54.15 -89.90
C LYS A 996 50.87 54.74 -88.57
N GLU A 997 50.04 54.62 -87.53
CA GLU A 997 50.37 55.26 -86.26
C GLU A 997 51.57 54.60 -85.58
N PRO A 998 51.59 53.28 -85.37
CA PRO A 998 52.82 52.66 -84.82
C PRO A 998 54.06 52.93 -85.64
N LEU A 999 53.91 53.15 -86.96
CA LEU A 999 55.07 53.49 -87.77
C LEU A 999 55.52 54.91 -87.50
N LEU A 1000 54.58 55.85 -87.33
CA LEU A 1000 54.96 57.18 -86.87
C LEU A 1000 55.69 57.11 -85.54
N VAL A 1001 55.27 56.20 -84.66
CA VAL A 1001 56.00 55.98 -83.41
C VAL A 1001 57.42 55.51 -83.72
N PHE A 1002 57.55 54.44 -84.51
CA PHE A 1002 58.87 53.91 -84.86
C PHE A 1002 59.78 54.99 -85.42
N PHE A 1003 59.22 55.95 -86.15
CA PHE A 1003 60.04 57.02 -86.72
C PHE A 1003 60.41 58.07 -85.69
N LEU A 1004 59.54 58.35 -84.73
CA LEU A 1004 59.76 59.39 -83.73
C LEU A 1004 60.24 58.83 -82.39
N ASN A 1005 60.77 57.61 -82.38
CA ASN A 1005 61.12 56.96 -81.12
C ASN A 1005 62.59 57.06 -80.71
N PRO A 1006 63.49 57.67 -81.52
CA PRO A 1006 64.87 57.83 -81.03
C PRO A 1006 64.95 58.50 -79.66
N VAL A 1007 64.80 59.82 -79.62
CA VAL A 1007 64.86 60.57 -78.36
C VAL A 1007 66.16 60.22 -77.64
N SER A 1008 66.13 59.20 -76.78
CA SER A 1008 67.33 58.75 -76.09
C SER A 1008 68.07 57.66 -76.85
N SER A 1009 67.38 56.95 -77.74
CA SER A 1009 68.02 55.96 -78.60
C SER A 1009 68.72 54.87 -77.80
N ASN A 1010 70.06 54.82 -77.86
CA ASN A 1010 70.82 53.74 -77.24
C ASN A 1010 70.56 52.43 -77.97
N GLN A 1012 69.75 49.67 -76.87
CA GLN A 1012 68.62 48.92 -76.32
C GLN A 1012 67.33 49.27 -77.05
N LYS A 1013 66.95 50.55 -77.05
CA LYS A 1013 65.73 50.96 -77.74
C LYS A 1013 65.90 50.89 -79.26
N HIS A 1014 67.11 51.12 -79.76
CA HIS A 1014 67.32 51.03 -81.20
C HIS A 1014 67.17 49.59 -81.68
N LYS A 1015 67.78 48.64 -80.96
CA LYS A 1015 67.60 47.24 -81.31
C LYS A 1015 66.15 46.81 -81.13
N LYS A 1016 65.53 47.22 -80.02
CA LYS A 1016 64.12 46.93 -79.81
C LYS A 1016 63.30 47.36 -81.03
N SER A 1017 63.30 48.67 -81.33
CA SER A 1017 62.52 49.17 -82.45
C SER A 1017 62.89 48.47 -83.75
N THR A 1018 64.17 48.13 -83.92
CA THR A 1018 64.60 47.43 -85.13
C THR A 1018 63.88 46.10 -85.27
N ASN A 1019 64.03 45.23 -84.27
CA ASN A 1019 63.41 43.91 -84.33
C ASN A 1019 61.89 44.01 -84.41
N LEU A 1021 60.00 46.40 -85.55
CA LEU A 1021 59.60 46.84 -86.87
C LEU A 1021 59.74 45.71 -87.88
N ARG A 1022 60.90 45.04 -87.88
CA ARG A 1022 61.15 43.98 -88.85
C ARG A 1022 60.09 42.88 -88.76
N GLU A 1023 59.88 42.35 -87.55
CA GLU A 1023 58.92 41.26 -87.38
C GLU A 1023 57.49 41.75 -87.55
N LEU A 1024 57.20 42.99 -87.14
CA LEU A 1024 55.85 43.51 -87.29
C LEU A 1024 55.46 43.64 -88.76
N VAL A 1025 56.41 44.07 -89.59
CA VAL A 1025 56.17 44.13 -91.03
C VAL A 1025 56.34 42.76 -91.68
N LEU A 1026 56.97 41.81 -90.99
CA LEU A 1026 57.28 40.51 -91.60
C LEU A 1026 56.01 39.80 -92.05
N LEU A 1027 55.06 39.61 -91.14
CA LEU A 1027 53.82 38.90 -91.43
C LEU A 1027 52.68 39.84 -91.83
N TYR A 1028 53.02 40.99 -92.41
CA TYR A 1028 51.98 41.94 -92.81
C TYR A 1028 51.07 41.40 -93.88
N LEU A 1029 51.53 40.40 -94.65
CA LEU A 1029 50.68 39.74 -95.63
C LEU A 1029 51.31 38.39 -95.94
N THR A 1030 50.62 37.31 -95.55
CA THR A 1030 51.17 35.96 -95.68
C THR A 1030 50.89 35.33 -97.05
N LYS A 1031 50.08 35.97 -97.88
CA LYS A 1031 49.83 35.48 -99.24
C LYS A 1031 49.72 36.65 -100.21
N PRO A 1032 50.64 36.71 -101.33
CA PRO A 1032 50.60 37.83 -102.28
C PRO A 1032 49.42 37.72 -103.25
N LEU A 1033 48.21 37.77 -102.70
CA LEU A 1033 46.99 37.66 -103.49
C LEU A 1033 46.06 38.84 -103.30
N SER A 1034 46.54 39.95 -102.72
CA SER A 1034 45.70 41.11 -102.46
C SER A 1034 45.52 42.00 -103.68
N ARG A 1035 46.34 41.83 -104.72
CA ARG A 1035 46.20 42.58 -105.96
C ARG A 1035 46.25 44.07 -105.64
N SER A 1036 45.26 44.86 -106.07
CA SER A 1036 45.35 46.31 -106.04
C SER A 1036 45.44 46.87 -104.64
N ALA A 1037 44.98 46.13 -103.63
CA ALA A 1037 45.17 46.58 -102.26
C ALA A 1037 46.64 46.90 -102.01
N ALA A 1038 47.54 46.07 -102.53
CA ALA A 1038 48.97 46.33 -102.35
C ALA A 1038 49.32 47.75 -102.81
N LYS A 1039 48.80 48.17 -103.97
CA LYS A 1039 48.97 49.55 -104.39
C LYS A 1039 48.35 50.50 -103.37
N LYS A 1040 47.07 50.29 -103.04
CA LYS A 1040 46.39 51.19 -102.13
C LYS A 1040 47.27 51.49 -100.92
N PHE A 1041 47.52 50.48 -100.09
CA PHE A 1041 48.35 50.67 -98.91
C PHE A 1041 49.69 51.30 -99.28
N PHE A 1042 50.33 50.80 -100.33
CA PHE A 1042 51.66 51.30 -100.69
C PHE A 1042 51.64 52.80 -100.95
N SER A 1043 50.49 53.35 -101.37
CA SER A 1043 50.44 54.77 -101.66
C SER A 1043 50.36 55.61 -100.39
N LEU A 1045 51.20 54.39 -96.92
CA LEU A 1045 52.17 54.08 -95.87
C LEU A 1045 53.44 54.91 -95.99
N ILE A 1046 53.72 55.49 -97.16
CA ILE A 1046 54.90 56.32 -97.35
C ILE A 1046 54.56 57.79 -97.52
N SER A 1047 53.29 58.14 -97.66
CA SER A 1047 52.87 59.54 -97.82
C SER A 1047 52.89 60.30 -96.49
N ILE A 1048 53.39 59.70 -95.42
CA ILE A 1048 53.44 60.34 -94.11
C ILE A 1048 54.81 60.09 -93.49
N LEU A 1049 55.84 59.97 -94.34
CA LEU A 1049 57.20 59.64 -93.91
C LEU A 1049 58.12 60.81 -94.25
N PRO A 1050 58.35 61.73 -93.31
CA PRO A 1050 59.38 62.75 -93.49
C PRO A 1050 60.64 62.38 -92.73
N PRO A 1051 61.58 61.67 -93.35
CA PRO A 1051 62.72 61.13 -92.59
C PRO A 1051 63.82 62.17 -92.34
N ASN A 1052 63.51 63.45 -92.51
CA ASN A 1052 64.54 64.48 -92.35
C ASN A 1052 65.11 64.53 -90.94
N PRO A 1053 64.31 64.54 -89.87
CA PRO A 1053 64.89 64.64 -88.53
C PRO A 1053 65.69 63.41 -88.14
N ASN A 1054 66.81 63.66 -87.45
CA ASN A 1054 67.62 62.60 -86.85
C ASN A 1054 68.25 61.69 -87.89
N TYR A 1055 69.38 61.06 -87.52
CA TYR A 1055 70.09 60.13 -88.37
C TYR A 1055 69.84 58.68 -88.02
N GLN A 1056 69.63 58.38 -86.73
CA GLN A 1056 69.28 57.02 -86.33
C GLN A 1056 67.92 56.60 -86.86
N THR A 1057 67.08 57.56 -87.24
CA THR A 1057 65.86 57.23 -87.98
C THR A 1057 66.19 56.70 -89.36
N ILE A 1058 67.28 57.19 -89.97
CA ILE A 1058 67.65 56.76 -91.32
C ILE A 1058 67.93 55.27 -91.35
N ASP A 1059 68.44 54.71 -90.27
CA ASP A 1059 68.65 53.27 -90.22
C ASP A 1059 67.32 52.52 -90.24
N VAL A 1061 64.38 53.63 -91.40
CA VAL A 1061 63.77 53.79 -92.72
C VAL A 1061 64.53 52.95 -93.75
N ASN A 1062 65.83 52.75 -93.55
CA ASN A 1062 66.59 51.90 -94.45
C ASN A 1062 66.16 50.44 -94.34
N LEU A 1063 65.95 49.97 -93.11
CA LEU A 1063 65.40 48.62 -92.95
C LEU A 1063 64.03 48.51 -93.59
N LEU A 1064 63.17 49.51 -93.37
CA LEU A 1064 61.85 49.52 -93.98
C LEU A 1064 61.95 49.38 -95.49
N ILE A 1065 62.73 50.27 -96.13
CA ILE A 1065 62.84 50.27 -97.58
C ILE A 1065 63.39 48.95 -98.08
N ASP A 1066 64.49 48.49 -97.47
CA ASP A 1066 65.09 47.22 -97.88
C ASP A 1066 64.08 46.08 -97.80
N LEU A 1067 63.24 46.07 -96.76
CA LEU A 1067 62.22 45.04 -96.66
C LEU A 1067 61.15 45.20 -97.73
N ILE A 1068 60.83 46.44 -98.11
CA ILE A 1068 59.90 46.65 -99.21
C ILE A 1068 60.48 46.10 -100.52
N LYS A 1069 61.79 46.22 -100.69
CA LYS A 1069 62.46 45.82 -101.92
C LYS A 1069 62.43 44.32 -102.19
N SER A 1070 61.73 43.51 -101.38
CA SER A 1070 61.69 42.07 -101.58
C SER A 1070 60.52 41.61 -102.44
N HIS A 1071 59.74 42.55 -102.98
CA HIS A 1071 58.58 42.20 -103.80
C HIS A 1071 58.45 43.15 -104.97
N ASN A 1082 51.51 45.39 -110.02
CA ASN A 1082 52.86 44.96 -110.40
C ASN A 1082 53.62 46.12 -111.05
N ALA A 1083 53.00 46.73 -112.07
CA ALA A 1083 53.61 47.89 -112.71
C ALA A 1083 53.69 49.07 -111.76
N THR A 1084 52.75 49.17 -110.81
CA THR A 1084 52.80 50.24 -109.83
C THR A 1084 53.92 50.04 -108.83
N LEU A 1085 54.41 48.81 -108.66
CA LEU A 1085 55.56 48.57 -107.79
C LEU A 1085 56.78 49.34 -108.29
N LYS A 1086 56.83 49.66 -109.58
CA LYS A 1086 57.91 50.47 -110.10
C LYS A 1086 57.76 51.93 -109.66
N THR A 1087 56.52 52.44 -109.65
CA THR A 1087 56.29 53.78 -109.13
C THR A 1087 56.62 53.85 -107.65
N ILE A 1088 56.20 52.83 -106.89
CA ILE A 1088 56.55 52.76 -105.48
C ILE A 1088 58.06 52.69 -105.31
N GLY A 1089 58.75 52.07 -106.27
CA GLY A 1089 60.20 52.10 -106.25
C GLY A 1089 60.75 53.49 -106.49
N LYS A 1090 60.11 54.26 -107.38
CA LYS A 1090 60.54 55.62 -107.64
C LYS A 1090 60.38 56.48 -106.38
N TRP A 1091 59.23 56.37 -105.72
CA TRP A 1091 59.04 57.10 -104.46
C TRP A 1091 60.04 56.62 -103.41
N ILE A 1092 60.38 55.33 -103.42
CA ILE A 1092 61.43 54.81 -102.55
C ILE A 1092 62.73 55.59 -102.81
N GLN A 1093 63.11 55.71 -104.08
CA GLN A 1093 64.31 56.47 -104.41
C GLN A 1093 64.19 57.93 -104.01
N GLU A 1094 62.96 58.47 -103.99
CA GLU A 1094 62.75 59.82 -103.49
C GLU A 1094 63.13 59.91 -102.02
N SER A 1095 62.57 59.03 -101.19
CA SER A 1095 62.95 59.00 -99.78
C SER A 1095 64.44 58.76 -99.62
N GLY A 1096 65.06 58.00 -100.53
CA GLY A 1096 66.49 57.79 -100.47
C GLY A 1096 67.27 59.05 -100.77
N VAL A 1097 66.75 59.90 -101.65
CA VAL A 1097 67.39 61.20 -101.90
C VAL A 1097 67.22 62.10 -100.70
N VAL A 1098 66.04 62.09 -100.08
CA VAL A 1098 65.85 62.83 -98.83
C VAL A 1098 66.86 62.37 -97.80
N HIS A 1099 67.17 61.06 -97.79
CA HIS A 1099 68.24 60.57 -96.93
C HIS A 1099 69.59 61.09 -97.38
N GLN A 1100 69.79 61.24 -98.69
CA GLN A 1100 71.05 61.79 -99.18
C GLN A 1100 71.25 63.21 -98.73
N GLY A 1101 70.17 63.97 -98.54
CA GLY A 1101 70.26 65.32 -98.01
C GLY A 1101 70.63 65.37 -96.53
N ASP A 1102 70.61 64.24 -95.84
CA ASP A 1102 70.93 64.17 -94.42
C ASP A 1102 72.28 63.51 -94.16
N SER A 1103 73.08 63.29 -95.20
CA SER A 1103 74.37 62.62 -95.05
C SER A 1103 75.51 63.56 -95.44
#